data_7PS0
#
_entry.id   7PS0
#
_cell.length_a   81.820
_cell.length_b   110.830
_cell.length_c   85.359
_cell.angle_alpha   90.000
_cell.angle_beta   102.747
_cell.angle_gamma   90.000
#
_symmetry.space_group_name_H-M   'P 1 21 1'
#
loop_
_entity.id
_entity.type
_entity.pdbx_description
1 polymer 'Spike protein S1'
2 polymer 'Beta-24 heavy chain'
3 polymer 'Beta-24 light chain'
4 non-polymer 2-acetamido-2-deoxy-beta-D-glucopyranose
5 non-polymer 'SULFATE ION'
#
loop_
_entity_poly.entity_id
_entity_poly.type
_entity_poly.pdbx_seq_one_letter_code
_entity_poly.pdbx_strand_id
1 'polypeptide(L)'
;MGCVAETGHHHHHHTNLCPFGEVFNATRFASVYAWNRKRISNCVADYSVLYNSASFSTFKCYGVSPTKLNDLCFTNVYAD
SFVIRGDEVRQIAPGQTGNIADYNYKLPDDFTGCVIAWNSNNLDSKVGGNYNYLYRLFRKSNLKPFERDISTEIYQAGST
PCNGVKGFNCYFPLQSYGFQPTYGVGYQPYRVVVLSFELLHAPATVCGKK
;
E,A
2 'polypeptide(L)'
;QVQLVQSGPGLVKPSQTLSLTCSVSDGSISSSDYYWSWIRQPPGKGLEWIGYIYYTGSTYYNPSLKSRVSISVDRSKNQF
SLKLSSVTAADTAVYYCARLVVPSPKGSWFDPWGQGTLVTVSSASTKGPSVFPLAPSSKSTSGGTAALGCLVKDYFPEPV
TVSWNSGALTSGVHTFPAVLQSSGLYSLSSVVTVPSSSLGTQTYICNVNHKPSNTKVDKKVEPKSCDK
;
H,B
3 'polypeptide(L)'
;SYELTQPASVSGSPGQSITISCTGTSIDVGNYNLASWYQQHPGKAPKLIIYEGSRRPSGVSNRFSGAKSGNTASLTISGL
QAEDEADYYCCSYVGSSTYVFGSGTKVTVLGQPKANPTVTLFPPSSEELQANKATLVCLISDFYPGAVTVAWKADSSPVK
AGVETTTPSKQSNNKYAASSYLSLTPEQWKSHRSYSCQVTHEGSTVEKTVAPTECS
;
L,C
#
loop_
_chem_comp.id
_chem_comp.type
_chem_comp.name
_chem_comp.formula
NAG D-saccharide, beta linking 2-acetamido-2-deoxy-beta-D-glucopyranose 'C8 H15 N O6'
SO4 non-polymer 'SULFATE ION' 'O4 S -2'
#
# COMPACT_ATOMS: atom_id res chain seq x y z
N THR A 15 -82.41 0.06 2.21
CA THR A 15 -82.26 0.13 0.76
C THR A 15 -81.05 0.99 0.40
N ASN A 16 -79.95 0.81 1.12
CA ASN A 16 -78.74 1.59 0.91
C ASN A 16 -77.57 0.77 1.46
N LEU A 17 -76.44 1.44 1.72
CA LEU A 17 -75.26 0.82 2.30
C LEU A 17 -74.70 1.72 3.38
N CYS A 18 -74.45 1.16 4.55
CA CYS A 18 -74.04 1.95 5.71
C CYS A 18 -72.71 2.66 5.43
N PRO A 19 -72.49 3.82 6.06
CA PRO A 19 -71.23 4.57 5.85
C PRO A 19 -70.07 4.03 6.68
N PHE A 20 -69.77 2.74 6.51
CA PHE A 20 -68.60 2.17 7.16
C PHE A 20 -67.31 2.66 6.51
N GLY A 21 -67.38 3.21 5.29
CA GLY A 21 -66.19 3.74 4.65
C GLY A 21 -65.72 5.05 5.25
N GLU A 22 -66.60 5.78 5.93
CA GLU A 22 -66.20 7.03 6.58
C GLU A 22 -65.33 6.80 7.81
N VAL A 23 -65.43 5.64 8.44
CA VAL A 23 -64.70 5.36 9.67
C VAL A 23 -63.37 4.68 9.36
N PHE A 24 -63.43 3.56 8.63
CA PHE A 24 -62.21 2.81 8.33
C PHE A 24 -61.30 3.58 7.40
N ASN A 25 -61.82 4.02 6.25
CA ASN A 25 -61.08 4.81 5.28
C ASN A 25 -61.02 6.30 5.64
N ALA A 26 -61.06 6.64 6.93
CA ALA A 26 -60.96 8.04 7.33
C ALA A 26 -59.55 8.55 7.13
N THR A 27 -59.44 9.80 6.63
CA THR A 27 -58.12 10.38 6.40
C THR A 27 -57.38 10.63 7.72
N ARG A 28 -58.09 11.12 8.73
CA ARG A 28 -57.49 11.40 10.03
C ARG A 28 -58.19 10.60 11.12
N PHE A 29 -57.40 10.07 12.04
CA PHE A 29 -57.90 9.37 13.22
C PHE A 29 -57.60 10.19 14.47
N ALA A 30 -58.43 10.02 15.48
CA ALA A 30 -58.25 10.73 16.74
C ALA A 30 -57.26 10.00 17.64
N SER A 31 -56.77 10.72 18.64
CA SER A 31 -55.92 10.10 19.65
C SER A 31 -56.75 9.14 20.50
N VAL A 32 -56.07 8.15 21.08
CA VAL A 32 -56.77 7.09 21.80
C VAL A 32 -57.48 7.63 23.03
N TYR A 33 -56.85 8.57 23.75
CA TYR A 33 -57.49 9.13 24.94
C TYR A 33 -58.77 9.89 24.57
N ALA A 34 -58.78 10.56 23.41
CA ALA A 34 -59.98 11.24 22.95
C ALA A 34 -60.54 10.52 21.73
N TRP A 35 -60.88 9.24 21.91
CA TRP A 35 -61.35 8.42 20.81
C TRP A 35 -62.64 8.97 20.22
N ASN A 36 -62.85 8.72 18.94
CA ASN A 36 -63.99 9.24 18.20
C ASN A 36 -65.03 8.14 18.03
N ARG A 37 -66.29 8.46 18.30
CA ARG A 37 -67.39 7.52 18.19
C ARG A 37 -68.33 7.95 17.08
N LYS A 38 -68.66 7.03 16.19
CA LYS A 38 -69.62 7.24 15.12
C LYS A 38 -70.86 6.40 15.39
N ARG A 39 -72.01 7.06 15.47
CA ARG A 39 -73.27 6.39 15.74
C ARG A 39 -73.90 5.95 14.41
N ILE A 40 -74.20 4.66 14.29
CA ILE A 40 -74.68 4.07 13.05
C ILE A 40 -76.12 3.61 13.27
N SER A 41 -77.03 4.09 12.43
CA SER A 41 -78.45 3.79 12.59
C SER A 41 -79.15 3.91 11.25
N ASN A 42 -80.21 3.12 11.08
CA ASN A 42 -81.08 3.16 9.90
C ASN A 42 -80.29 3.02 8.60
N CYS A 43 -79.79 1.82 8.39
CA CYS A 43 -79.00 1.52 7.19
C CYS A 43 -78.86 0.00 7.07
N VAL A 44 -78.41 -0.42 5.88
CA VAL A 44 -78.19 -1.83 5.58
C VAL A 44 -76.69 -2.09 5.62
N ALA A 45 -76.25 -2.93 6.55
CA ALA A 45 -74.82 -3.13 6.78
C ALA A 45 -74.34 -4.37 6.03
N ASP A 46 -73.40 -4.17 5.11
CA ASP A 46 -72.79 -5.25 4.34
C ASP A 46 -71.44 -5.55 4.97
N TYR A 47 -71.44 -6.52 5.90
CA TYR A 47 -70.22 -6.89 6.60
C TYR A 47 -69.28 -7.72 5.75
N SER A 48 -69.69 -8.10 4.54
CA SER A 48 -68.81 -8.84 3.64
C SER A 48 -67.60 -8.00 3.21
N VAL A 49 -67.71 -6.68 3.26
CA VAL A 49 -66.58 -5.83 2.89
C VAL A 49 -65.46 -5.95 3.92
N LEU A 50 -65.80 -6.27 5.17
CA LEU A 50 -64.82 -6.27 6.25
C LEU A 50 -64.12 -7.62 6.38
N TYR A 51 -64.88 -8.71 6.59
CA TYR A 51 -64.28 -10.00 6.82
C TYR A 51 -63.58 -10.55 5.58
N ASN A 52 -63.94 -10.07 4.38
CA ASN A 52 -63.29 -10.49 3.15
C ASN A 52 -62.12 -9.58 2.77
N SER A 53 -61.70 -8.70 3.66
CA SER A 53 -60.57 -7.80 3.41
C SER A 53 -59.33 -8.38 4.07
N ALA A 54 -58.25 -8.49 3.29
CA ALA A 54 -57.01 -9.08 3.76
C ALA A 54 -56.02 -8.05 4.29
N SER A 55 -56.47 -6.82 4.52
CA SER A 55 -55.60 -5.74 4.96
C SER A 55 -55.67 -5.50 6.48
N PHE A 56 -56.30 -6.41 7.22
CA PHE A 56 -56.48 -6.25 8.66
C PHE A 56 -55.60 -7.24 9.39
N SER A 57 -54.86 -6.74 10.39
CA SER A 57 -54.01 -7.60 11.21
C SER A 57 -54.74 -8.18 12.41
N THR A 58 -55.78 -7.49 12.90
CA THR A 58 -56.58 -7.96 14.03
C THR A 58 -58.05 -7.88 13.64
N PHE A 59 -58.79 -8.95 13.90
CA PHE A 59 -60.21 -9.03 13.58
C PHE A 59 -60.85 -10.00 14.59
N LYS A 60 -60.90 -9.58 15.85
CA LYS A 60 -61.41 -10.40 16.94
C LYS A 60 -62.83 -9.97 17.28
N CYS A 61 -63.77 -10.91 17.21
CA CYS A 61 -65.16 -10.67 17.53
C CYS A 61 -65.54 -11.43 18.79
N TYR A 62 -66.33 -10.78 19.65
CA TYR A 62 -66.77 -11.34 20.92
C TYR A 62 -68.29 -11.38 20.96
N GLY A 63 -68.85 -12.52 21.34
CA GLY A 63 -70.29 -12.66 21.42
C GLY A 63 -71.01 -12.72 20.10
N VAL A 64 -70.29 -12.86 18.99
CA VAL A 64 -70.91 -12.95 17.67
C VAL A 64 -69.87 -13.52 16.71
N SER A 65 -70.34 -14.04 15.58
CA SER A 65 -69.47 -14.57 14.56
C SER A 65 -69.38 -13.61 13.37
N PRO A 66 -68.20 -13.45 12.79
CA PRO A 66 -68.08 -12.57 11.60
C PRO A 66 -68.95 -13.02 10.44
N THR A 67 -68.83 -14.29 10.05
CA THR A 67 -69.69 -14.81 8.98
C THR A 67 -71.16 -14.78 9.38
N LYS A 68 -71.45 -15.06 10.64
CA LYS A 68 -72.83 -15.08 11.14
C LYS A 68 -73.19 -13.71 11.71
N LEU A 69 -73.24 -12.73 10.81
CA LEU A 69 -73.63 -11.37 11.17
C LEU A 69 -74.53 -10.70 10.14
N ASN A 70 -74.52 -11.13 8.87
CA ASN A 70 -75.41 -10.55 7.88
C ASN A 70 -76.87 -10.93 8.10
N ASP A 71 -77.14 -11.96 8.91
CA ASP A 71 -78.50 -12.39 9.20
C ASP A 71 -79.07 -11.74 10.44
N LEU A 72 -78.35 -10.83 11.07
CA LEU A 72 -78.75 -10.24 12.34
C LEU A 72 -79.14 -8.77 12.15
N CYS A 73 -80.03 -8.31 13.03
CA CYS A 73 -80.46 -6.92 13.06
C CYS A 73 -80.16 -6.32 14.42
N PHE A 74 -79.80 -5.03 14.44
CA PHE A 74 -79.47 -4.35 15.68
C PHE A 74 -80.10 -2.97 15.68
N THR A 75 -80.39 -2.47 16.88
CA THR A 75 -80.94 -1.13 17.02
C THR A 75 -79.91 -0.08 16.66
N ASN A 76 -78.78 -0.07 17.37
CA ASN A 76 -77.72 0.89 17.16
C ASN A 76 -76.37 0.18 17.06
N VAL A 77 -75.46 0.78 16.30
CA VAL A 77 -74.10 0.27 16.15
C VAL A 77 -73.14 1.43 16.39
N TYR A 78 -72.12 1.21 17.20
CA TYR A 78 -71.16 2.24 17.57
C TYR A 78 -69.78 1.86 17.05
N ALA A 79 -69.18 2.76 16.27
CA ALA A 79 -67.86 2.55 15.69
C ALA A 79 -66.88 3.52 16.35
N ASP A 80 -66.00 3.00 17.19
CA ASP A 80 -64.99 3.79 17.87
C ASP A 80 -63.66 3.66 17.14
N SER A 81 -62.99 4.78 16.90
CA SER A 81 -61.77 4.81 16.12
C SER A 81 -60.71 5.65 16.81
N PHE A 82 -59.47 5.14 16.81
CA PHE A 82 -58.35 5.81 17.45
C PHE A 82 -57.05 5.18 16.94
N VAL A 83 -55.93 5.56 17.55
CA VAL A 83 -54.61 5.11 17.14
C VAL A 83 -53.78 4.78 18.38
N ILE A 84 -53.10 3.64 18.36
CA ILE A 84 -52.25 3.19 19.46
C ILE A 84 -51.00 2.54 18.89
N ARG A 85 -50.16 2.03 19.78
CA ARG A 85 -49.00 1.23 19.40
C ARG A 85 -49.43 -0.20 19.08
N GLY A 86 -48.53 -0.91 18.40
CA GLY A 86 -48.74 -2.34 18.21
C GLY A 86 -48.71 -3.12 19.52
N ASP A 87 -47.90 -2.66 20.48
CA ASP A 87 -47.86 -3.31 21.78
C ASP A 87 -49.20 -3.25 22.50
N GLU A 88 -50.00 -2.23 22.21
CA GLU A 88 -51.22 -1.97 22.95
C GLU A 88 -52.47 -2.51 22.26
N VAL A 89 -52.32 -3.23 21.15
CA VAL A 89 -53.47 -3.82 20.49
C VAL A 89 -54.07 -4.94 21.34
N ARG A 90 -53.23 -5.64 22.09
CA ARG A 90 -53.72 -6.70 22.97
C ARG A 90 -54.58 -6.16 24.11
N GLN A 91 -54.51 -4.86 24.38
CA GLN A 91 -55.30 -4.27 25.46
C GLN A 91 -56.70 -3.93 25.02
N ILE A 92 -56.95 -3.78 23.72
CA ILE A 92 -58.30 -3.53 23.22
C ILE A 92 -59.05 -4.85 23.21
N ALA A 93 -59.49 -5.29 24.38
CA ALA A 93 -60.18 -6.56 24.56
C ALA A 93 -60.78 -6.58 25.96
N PRO A 94 -61.82 -7.39 26.18
CA PRO A 94 -62.40 -7.47 27.53
C PRO A 94 -61.42 -8.06 28.52
N GLY A 95 -61.42 -7.50 29.73
CA GLY A 95 -60.63 -8.03 30.83
C GLY A 95 -59.15 -7.77 30.75
N GLN A 96 -58.72 -6.76 29.99
CA GLN A 96 -57.31 -6.42 29.86
C GLN A 96 -56.97 -5.21 30.73
N THR A 97 -55.71 -5.13 31.15
CA THR A 97 -55.20 -4.01 31.90
C THR A 97 -54.00 -3.41 31.18
N GLY A 98 -53.57 -2.25 31.67
CA GLY A 98 -52.52 -1.48 31.03
C GLY A 98 -52.93 -0.03 30.87
N ASN A 99 -51.95 0.76 30.41
CA ASN A 99 -52.17 2.20 30.27
C ASN A 99 -53.34 2.52 29.35
N ILE A 100 -53.57 1.70 28.32
CA ILE A 100 -54.65 1.97 27.39
C ILE A 100 -55.99 1.48 27.94
N ALA A 101 -56.01 0.26 28.48
CA ALA A 101 -57.26 -0.28 28.99
C ALA A 101 -57.72 0.43 30.26
N ASP A 102 -56.77 0.95 31.06
CA ASP A 102 -57.13 1.58 32.32
C ASP A 102 -57.44 3.06 32.18
N TYR A 103 -56.72 3.77 31.31
CA TYR A 103 -56.75 5.23 31.30
C TYR A 103 -57.18 5.84 29.97
N ASN A 104 -57.47 5.04 28.94
CA ASN A 104 -57.75 5.61 27.63
C ASN A 104 -59.02 5.05 27.00
N TYR A 105 -59.06 3.73 26.79
CA TYR A 105 -60.22 3.08 26.19
C TYR A 105 -60.43 1.75 26.89
N LYS A 106 -61.59 1.58 27.52
CA LYS A 106 -61.90 0.41 28.32
C LYS A 106 -63.13 -0.29 27.74
N LEU A 107 -63.00 -1.62 27.52
CA LEU A 107 -64.11 -2.46 27.08
C LEU A 107 -64.68 -3.23 28.26
N PRO A 108 -65.99 -3.47 28.28
CA PRO A 108 -66.59 -4.21 29.38
C PRO A 108 -66.32 -5.70 29.28
N ASP A 109 -66.58 -6.39 30.39
CA ASP A 109 -66.43 -7.85 30.40
C ASP A 109 -67.45 -8.51 29.48
N ASP A 110 -68.66 -7.96 29.42
CA ASP A 110 -69.71 -8.49 28.56
C ASP A 110 -69.75 -7.82 27.19
N PHE A 111 -68.58 -7.52 26.63
CA PHE A 111 -68.52 -6.81 25.35
C PHE A 111 -69.09 -7.66 24.23
N THR A 112 -69.86 -7.01 23.35
CA THR A 112 -70.49 -7.67 22.20
C THR A 112 -70.13 -6.86 20.96
N GLY A 113 -69.10 -7.31 20.24
CA GLY A 113 -68.68 -6.61 19.04
C GLY A 113 -67.40 -7.21 18.48
N CYS A 114 -66.73 -6.43 17.65
CA CYS A 114 -65.50 -6.86 17.01
C CYS A 114 -64.43 -5.78 17.15
N VAL A 115 -63.20 -6.22 17.37
CA VAL A 115 -62.03 -5.34 17.45
C VAL A 115 -61.22 -5.52 16.17
N ILE A 116 -61.04 -4.44 15.43
CA ILE A 116 -60.35 -4.45 14.14
C ILE A 116 -59.21 -3.44 14.20
N ALA A 117 -58.03 -3.85 13.75
CA ALA A 117 -56.86 -2.96 13.76
C ALA A 117 -55.95 -3.32 12.60
N TRP A 118 -55.14 -2.34 12.19
CA TRP A 118 -54.18 -2.54 11.11
C TRP A 118 -53.04 -1.55 11.27
N ASN A 119 -51.87 -1.93 10.79
CA ASN A 119 -50.69 -1.09 10.91
C ASN A 119 -50.82 0.13 9.99
N SER A 120 -50.50 1.30 10.53
CA SER A 120 -50.56 2.56 9.80
C SER A 120 -49.24 3.32 9.90
N ASN A 121 -48.12 2.59 9.86
CA ASN A 121 -46.82 3.23 9.93
C ASN A 121 -46.60 4.17 8.75
N ASN A 122 -47.12 3.82 7.57
CA ASN A 122 -46.92 4.64 6.38
C ASN A 122 -47.68 5.95 6.44
N LEU A 123 -48.75 6.03 7.22
CA LEU A 123 -49.60 7.21 7.29
C LEU A 123 -49.41 8.03 8.57
N ASP A 124 -49.38 7.37 9.73
CA ASP A 124 -49.39 8.06 11.00
C ASP A 124 -48.02 8.20 11.63
N SER A 125 -46.96 7.74 10.97
CA SER A 125 -45.59 7.93 11.44
C SER A 125 -44.90 8.90 10.49
N LYS A 126 -44.60 10.08 10.99
CA LYS A 126 -43.91 11.10 10.20
C LYS A 126 -42.40 10.87 10.27
N VAL A 127 -41.69 11.44 9.29
CA VAL A 127 -40.25 11.61 9.42
C VAL A 127 -40.00 12.83 10.29
N GLY A 128 -39.04 12.71 11.21
CA GLY A 128 -38.82 13.71 12.23
C GLY A 128 -39.65 13.53 13.49
N GLY A 129 -40.74 12.76 13.41
CA GLY A 129 -41.52 12.45 14.59
C GLY A 129 -42.92 13.02 14.57
N ASN A 130 -43.93 12.16 14.51
CA ASN A 130 -45.33 12.58 14.56
C ASN A 130 -45.78 12.56 16.01
N TYR A 131 -46.03 13.76 16.56
CA TYR A 131 -46.42 13.91 17.96
C TYR A 131 -47.88 14.30 18.12
N ASN A 132 -48.68 14.21 17.07
CA ASN A 132 -50.09 14.59 17.16
C ASN A 132 -50.93 13.54 17.86
N TYR A 133 -50.46 12.29 17.95
CA TYR A 133 -51.18 11.23 18.63
C TYR A 133 -50.72 11.14 20.08
N LEU A 134 -51.67 11.17 21.01
CA LEU A 134 -51.40 11.18 22.43
C LEU A 134 -52.09 10.00 23.10
N TYR A 135 -51.70 9.74 24.34
CA TYR A 135 -52.33 8.72 25.16
C TYR A 135 -52.24 9.17 26.62
N ARG A 136 -53.30 8.94 27.37
CA ARG A 136 -53.33 9.33 28.78
C ARG A 136 -52.37 8.44 29.58
N LEU A 137 -51.49 9.07 30.34
CA LEU A 137 -50.48 8.36 31.13
C LEU A 137 -50.79 8.33 32.62
N PHE A 138 -51.51 9.31 33.14
CA PHE A 138 -51.83 9.38 34.56
C PHE A 138 -53.34 9.56 34.74
N ARG A 139 -53.89 8.86 35.73
CA ARG A 139 -55.28 9.04 36.13
C ARG A 139 -55.45 8.41 37.51
N LYS A 140 -56.34 9.00 38.30
CA LYS A 140 -56.52 8.55 39.68
C LYS A 140 -57.13 7.16 39.73
N SER A 141 -58.15 6.88 38.92
CA SER A 141 -58.82 5.60 38.92
C SER A 141 -59.01 5.12 37.48
N ASN A 142 -59.32 3.83 37.35
CA ASN A 142 -59.51 3.23 36.04
C ASN A 142 -60.76 3.79 35.35
N LEU A 143 -60.74 3.77 34.03
CA LEU A 143 -61.90 4.18 33.27
C LEU A 143 -62.99 3.12 33.34
N LYS A 144 -64.23 3.57 33.43
CA LYS A 144 -65.36 2.67 33.28
C LYS A 144 -65.50 2.28 31.82
N PRO A 145 -66.16 1.16 31.53
CA PRO A 145 -66.32 0.74 30.13
C PRO A 145 -66.93 1.84 29.27
N PHE A 146 -66.27 2.10 28.13
CA PHE A 146 -66.70 3.11 27.16
C PHE A 146 -66.66 4.52 27.74
N GLU A 147 -65.80 4.76 28.73
CA GLU A 147 -65.61 6.10 29.25
C GLU A 147 -64.54 6.83 28.45
N ARG A 148 -64.69 8.15 28.35
CA ARG A 148 -63.81 8.99 27.54
C ARG A 148 -63.35 10.17 28.37
N ASP A 149 -62.11 10.14 28.81
CA ASP A 149 -61.53 11.21 29.62
C ASP A 149 -60.65 12.08 28.74
N ILE A 150 -61.03 13.35 28.60
CA ILE A 150 -60.30 14.31 27.78
C ILE A 150 -59.67 15.40 28.64
N SER A 151 -59.55 15.16 29.94
CA SER A 151 -59.02 16.16 30.86
C SER A 151 -57.53 16.39 30.61
N THR A 152 -57.08 17.59 30.97
CA THR A 152 -55.65 17.93 30.96
C THR A 152 -55.22 18.56 32.28
N GLU A 153 -56.01 18.40 33.34
CA GLU A 153 -55.60 18.87 34.66
C GLU A 153 -54.26 18.28 35.04
N ILE A 154 -53.43 19.06 35.72
CA ILE A 154 -52.11 18.61 36.10
C ILE A 154 -52.25 17.50 37.14
N TYR A 155 -51.72 16.32 36.82
CA TYR A 155 -51.83 15.18 37.72
C TYR A 155 -50.94 15.37 38.93
N GLN A 156 -51.49 15.10 40.12
CA GLN A 156 -50.77 15.24 41.37
C GLN A 156 -50.39 13.85 41.87
N ALA A 157 -49.09 13.52 41.74
CA ALA A 157 -48.57 12.22 42.17
C ALA A 157 -47.76 12.31 43.45
N GLY A 158 -47.86 13.43 44.17
CA GLY A 158 -47.09 13.61 45.39
C GLY A 158 -47.93 14.07 46.56
N SER A 159 -47.27 14.55 47.61
CA SER A 159 -47.96 15.04 48.79
C SER A 159 -48.42 16.49 48.65
N THR A 160 -47.57 17.37 48.13
CA THR A 160 -47.95 18.76 47.96
C THR A 160 -48.91 18.92 46.79
N PRO A 161 -49.81 19.91 46.86
CA PRO A 161 -50.70 20.18 45.74
C PRO A 161 -50.00 20.99 44.65
N CYS A 162 -50.58 20.92 43.45
CA CYS A 162 -49.87 21.38 42.26
C CYS A 162 -50.18 22.82 41.88
N ASN A 163 -51.46 23.20 41.89
CA ASN A 163 -51.92 24.53 41.46
C ASN A 163 -51.78 24.71 39.94
N GLY A 164 -51.86 23.62 39.17
CA GLY A 164 -51.87 23.74 37.73
C GLY A 164 -50.55 24.08 37.08
N VAL A 165 -49.44 23.81 37.75
CA VAL A 165 -48.10 24.06 37.21
C VAL A 165 -47.35 22.74 37.21
N LYS A 166 -46.52 22.53 36.20
CA LYS A 166 -45.71 21.32 36.12
C LYS A 166 -44.57 21.39 37.13
N GLY A 167 -44.09 20.22 37.55
CA GLY A 167 -42.97 20.17 38.47
C GLY A 167 -42.84 18.79 39.10
N PHE A 168 -42.17 18.77 40.25
CA PHE A 168 -41.97 17.53 40.99
C PHE A 168 -43.31 16.94 41.41
N ASN A 169 -43.59 15.71 40.97
CA ASN A 169 -44.81 14.98 41.24
C ASN A 169 -46.06 15.68 40.70
N CYS A 170 -45.87 16.67 39.83
CA CYS A 170 -46.96 17.38 39.16
C CYS A 170 -46.66 17.29 37.66
N TYR A 171 -47.17 16.25 37.01
CA TYR A 171 -46.87 16.00 35.61
C TYR A 171 -48.09 16.27 34.73
N PHE A 172 -47.82 16.54 33.46
CA PHE A 172 -48.86 16.59 32.45
C PHE A 172 -49.43 15.18 32.26
N PRO A 173 -50.75 15.03 32.21
CA PRO A 173 -51.35 13.68 32.19
C PRO A 173 -51.22 12.97 30.86
N LEU A 174 -51.15 13.72 29.77
CA LEU A 174 -51.03 13.13 28.44
C LEU A 174 -49.57 13.04 28.03
N GLN A 175 -49.26 12.03 27.23
CA GLN A 175 -47.94 11.90 26.64
C GLN A 175 -48.08 11.53 25.18
N SER A 176 -47.06 11.87 24.40
CA SER A 176 -47.06 11.70 22.95
C SER A 176 -46.41 10.37 22.55
N TYR A 177 -46.81 9.89 21.37
CA TYR A 177 -46.26 8.66 20.82
C TYR A 177 -44.99 8.88 20.03
N GLY A 178 -44.85 10.05 19.38
CA GLY A 178 -43.67 10.35 18.60
C GLY A 178 -43.38 9.35 17.51
N PHE A 179 -44.40 9.03 16.72
CA PHE A 179 -44.28 7.98 15.73
C PHE A 179 -43.23 8.31 14.67
N GLN A 180 -42.43 7.31 14.32
CA GLN A 180 -41.44 7.40 13.26
C GLN A 180 -41.27 6.03 12.64
N PRO A 181 -41.07 5.93 11.33
CA PRO A 181 -41.09 4.61 10.67
C PRO A 181 -40.00 3.67 11.16
N THR A 182 -38.88 4.20 11.66
CA THR A 182 -37.80 3.34 12.15
C THR A 182 -38.19 2.56 13.39
N TYR A 183 -39.32 2.86 14.01
CA TYR A 183 -39.73 2.17 15.22
C TYR A 183 -40.01 0.70 14.95
N GLY A 184 -39.81 -0.12 15.98
CA GLY A 184 -40.26 -1.49 15.92
C GLY A 184 -41.77 -1.59 15.79
N VAL A 185 -42.24 -2.76 15.37
CA VAL A 185 -43.67 -2.94 15.09
C VAL A 185 -44.49 -2.73 16.35
N GLY A 186 -43.95 -3.10 17.51
CA GLY A 186 -44.63 -2.83 18.77
C GLY A 186 -44.75 -1.37 19.12
N TYR A 187 -43.95 -0.51 18.47
CA TYR A 187 -43.97 0.92 18.71
C TYR A 187 -44.50 1.70 17.52
N GLN A 188 -44.86 1.04 16.43
CA GLN A 188 -45.43 1.69 15.26
C GLN A 188 -46.91 1.97 15.48
N PRO A 189 -47.47 2.96 14.77
CA PRO A 189 -48.88 3.28 14.96
C PRO A 189 -49.79 2.20 14.38
N TYR A 190 -50.93 2.02 15.03
CA TYR A 190 -51.96 1.08 14.58
C TYR A 190 -53.32 1.73 14.71
N ARG A 191 -54.07 1.76 13.61
CA ARG A 191 -55.40 2.33 13.60
C ARG A 191 -56.42 1.27 14.00
N VAL A 192 -57.21 1.58 15.03
CA VAL A 192 -58.14 0.63 15.63
C VAL A 192 -59.56 1.11 15.39
N VAL A 193 -60.44 0.18 15.01
CA VAL A 193 -61.87 0.44 14.89
C VAL A 193 -62.60 -0.61 15.71
N VAL A 194 -63.35 -0.16 16.71
CA VAL A 194 -64.11 -1.04 17.59
C VAL A 194 -65.59 -0.88 17.27
N LEU A 195 -66.23 -1.99 16.89
CA LEU A 195 -67.65 -1.99 16.59
C LEU A 195 -68.41 -2.53 17.79
N SER A 196 -69.38 -1.75 18.28
CA SER A 196 -70.23 -2.16 19.39
C SER A 196 -71.63 -2.41 18.86
N PHE A 197 -72.15 -3.61 19.10
CA PHE A 197 -73.50 -3.97 18.66
C PHE A 197 -74.46 -3.90 19.84
N GLU A 198 -75.53 -3.14 19.68
CA GLU A 198 -76.47 -2.83 20.75
C GLU A 198 -77.86 -3.30 20.36
N LEU A 199 -78.49 -4.07 21.24
CA LEU A 199 -79.82 -4.63 21.02
C LEU A 199 -80.68 -4.30 22.24
N LEU A 200 -81.46 -3.23 22.15
CA LEU A 200 -82.34 -2.79 23.23
C LEU A 200 -83.77 -3.20 22.92
N HIS A 201 -84.70 -2.78 23.78
CA HIS A 201 -86.14 -2.99 23.57
C HIS A 201 -86.72 -1.91 22.66
N ALA A 202 -86.03 -1.65 21.56
CA ALA A 202 -86.40 -0.65 20.57
C ALA A 202 -86.39 -1.29 19.19
N PRO A 203 -87.00 -0.63 18.20
CA PRO A 203 -86.94 -1.17 16.83
C PRO A 203 -85.50 -1.26 16.33
N ALA A 204 -85.16 -2.42 15.77
CA ALA A 204 -83.83 -2.64 15.23
C ALA A 204 -83.69 -1.97 13.86
N THR A 205 -82.66 -1.13 13.72
CA THR A 205 -82.51 -0.32 12.51
C THR A 205 -81.33 -0.72 11.65
N VAL A 206 -80.36 -1.46 12.16
CA VAL A 206 -79.17 -1.85 11.42
C VAL A 206 -79.23 -3.36 11.21
N CYS A 207 -79.38 -3.78 9.96
CA CYS A 207 -79.43 -5.17 9.57
C CYS A 207 -78.36 -5.47 8.53
N GLY A 208 -78.37 -6.70 8.02
CA GLY A 208 -77.52 -7.11 6.94
C GLY A 208 -78.29 -7.35 5.66
N LYS A 209 -77.71 -8.17 4.79
CA LYS A 209 -78.33 -8.50 3.51
C LYS A 209 -79.54 -9.41 3.72
N GLN B 1 -21.38 -6.49 12.16
CA GLN B 1 -21.27 -5.06 12.36
C GLN B 1 -21.30 -4.33 11.01
N VAL B 2 -21.51 -3.01 11.07
CA VAL B 2 -21.56 -2.19 9.88
C VAL B 2 -20.32 -1.30 9.85
N GLN B 3 -20.05 -0.73 8.67
CA GLN B 3 -18.89 0.11 8.46
C GLN B 3 -19.27 1.27 7.56
N LEU B 4 -18.82 2.47 7.92
CA LEU B 4 -19.03 3.67 7.14
C LEU B 4 -17.68 4.23 6.71
N VAL B 5 -17.52 4.45 5.40
CA VAL B 5 -16.28 4.95 4.83
C VAL B 5 -16.59 6.29 4.18
N GLN B 6 -15.93 7.34 4.67
CA GLN B 6 -16.15 8.68 4.14
C GLN B 6 -15.20 8.98 2.99
N SER B 7 -15.60 9.93 2.15
CA SER B 7 -14.82 10.33 0.99
C SER B 7 -15.30 11.70 0.54
N GLY B 8 -14.37 12.49 0.01
CA GLY B 8 -14.67 13.83 -0.45
C GLY B 8 -13.48 14.76 -0.35
N PRO B 9 -13.53 15.87 -1.09
CA PRO B 9 -12.41 16.80 -1.09
C PRO B 9 -12.24 17.48 0.26
N GLY B 10 -10.99 17.60 0.70
CA GLY B 10 -10.68 18.29 1.93
C GLY B 10 -10.53 19.79 1.80
N LEU B 11 -10.73 20.34 0.60
CA LEU B 11 -10.59 21.77 0.37
C LEU B 11 -11.74 22.25 -0.51
N VAL B 12 -12.47 23.24 -0.03
CA VAL B 12 -13.56 23.86 -0.78
C VAL B 12 -13.39 25.38 -0.69
N LYS B 13 -13.40 26.04 -1.84
CA LYS B 13 -13.23 27.48 -1.89
C LYS B 13 -14.48 28.17 -1.34
N PRO B 14 -14.33 29.40 -0.85
CA PRO B 14 -15.51 30.13 -0.34
C PRO B 14 -16.56 30.31 -1.43
N SER B 15 -17.82 30.34 -0.99
CA SER B 15 -19.03 30.46 -1.80
C SER B 15 -19.28 29.21 -2.66
N GLN B 16 -18.40 28.21 -2.64
CA GLN B 16 -18.62 26.99 -3.38
C GLN B 16 -19.44 26.01 -2.56
N THR B 17 -19.70 24.83 -3.14
CA THR B 17 -20.56 23.83 -2.53
C THR B 17 -19.71 22.70 -1.98
N LEU B 18 -19.87 22.41 -0.69
CA LEU B 18 -19.22 21.27 -0.07
C LEU B 18 -19.98 20.00 -0.45
N SER B 19 -19.25 18.96 -0.83
CA SER B 19 -19.88 17.71 -1.24
C SER B 19 -19.12 16.54 -0.65
N LEU B 20 -19.85 15.66 0.05
CA LEU B 20 -19.27 14.50 0.70
C LEU B 20 -20.15 13.29 0.43
N THR B 21 -19.55 12.10 0.50
CA THR B 21 -20.27 10.86 0.26
C THR B 21 -19.86 9.83 1.31
N CYS B 22 -20.85 9.11 1.83
CA CYS B 22 -20.64 8.07 2.83
C CYS B 22 -21.14 6.75 2.27
N SER B 23 -20.27 5.76 2.19
CA SER B 23 -20.59 4.44 1.66
C SER B 23 -20.74 3.43 2.78
N VAL B 24 -21.74 2.57 2.66
CA VAL B 24 -22.07 1.57 3.69
C VAL B 24 -21.56 0.21 3.24
N SER B 25 -20.79 -0.44 4.10
CA SER B 25 -20.32 -1.80 3.86
C SER B 25 -20.76 -2.69 5.02
N ASP B 26 -20.83 -4.00 4.74
CA ASP B 26 -21.30 -5.00 5.70
C ASP B 26 -22.68 -4.62 6.25
N GLY B 27 -23.57 -4.24 5.34
CA GLY B 27 -24.91 -3.85 5.69
C GLY B 27 -25.60 -3.09 4.57
N SER B 28 -26.92 -3.21 4.49
CA SER B 28 -27.69 -2.57 3.44
C SER B 28 -28.21 -1.22 3.91
N ILE B 29 -28.04 -0.20 3.08
CA ILE B 29 -28.58 1.12 3.40
C ILE B 29 -30.10 1.13 3.29
N SER B 30 -30.67 0.12 2.65
CA SER B 30 -32.13 0.02 2.48
C SER B 30 -32.78 -0.75 3.62
N SER B 31 -32.45 -0.36 4.85
CA SER B 31 -33.04 -0.96 6.05
C SER B 31 -34.08 -0.01 6.62
N SER B 32 -35.28 -0.53 6.88
CA SER B 32 -36.35 0.28 7.42
C SER B 32 -36.13 0.68 8.88
N ASP B 33 -35.08 0.20 9.51
CA ASP B 33 -34.86 0.40 10.94
C ASP B 33 -33.88 1.53 11.25
N TYR B 34 -33.28 2.16 10.24
CA TYR B 34 -32.16 3.06 10.48
C TYR B 34 -32.29 4.34 9.67
N TYR B 35 -31.72 5.41 10.21
CA TYR B 35 -31.52 6.68 9.54
C TYR B 35 -30.03 6.84 9.24
N TRP B 36 -29.72 7.71 8.27
CA TRP B 36 -28.34 7.94 7.84
C TRP B 36 -28.06 9.43 7.90
N SER B 37 -27.24 9.86 8.87
CA SER B 37 -27.10 11.25 9.22
C SER B 37 -25.69 11.76 8.95
N TRP B 38 -25.55 13.09 9.08
CA TRP B 38 -24.27 13.77 9.00
C TRP B 38 -24.10 14.64 10.22
N ILE B 39 -22.92 14.59 10.83
CA ILE B 39 -22.57 15.41 11.98
C ILE B 39 -21.22 16.07 11.71
N ARG B 40 -21.10 17.35 12.05
CA ARG B 40 -19.86 18.07 11.86
C ARG B 40 -19.36 18.64 13.18
N GLN B 41 -18.06 18.90 13.22
CA GLN B 41 -17.39 19.38 14.44
C GLN B 41 -16.25 20.29 14.04
N PRO B 42 -16.41 21.60 14.21
CA PRO B 42 -15.30 22.52 13.97
C PRO B 42 -14.13 22.17 14.86
N PRO B 43 -12.90 22.39 14.39
CA PRO B 43 -11.73 21.98 15.19
C PRO B 43 -11.71 22.67 16.55
N GLY B 44 -11.61 21.85 17.59
CA GLY B 44 -11.59 22.32 18.96
C GLY B 44 -12.94 22.66 19.55
N LYS B 45 -14.03 22.49 18.81
CA LYS B 45 -15.37 22.82 19.27
C LYS B 45 -16.20 21.54 19.47
N GLY B 46 -17.52 21.71 19.57
CA GLY B 46 -18.42 20.62 19.83
C GLY B 46 -19.04 20.05 18.55
N LEU B 47 -20.00 19.15 18.76
CA LEU B 47 -20.66 18.44 17.67
C LEU B 47 -21.98 19.12 17.32
N GLU B 48 -22.29 19.14 16.02
CA GLU B 48 -23.51 19.73 15.51
C GLU B 48 -24.14 18.76 14.53
N TRP B 49 -25.38 18.36 14.80
CA TRP B 49 -26.12 17.49 13.90
C TRP B 49 -26.60 18.29 12.69
N ILE B 50 -26.30 17.79 11.49
CA ILE B 50 -26.67 18.48 10.26
C ILE B 50 -28.01 18.00 9.74
N GLY B 51 -28.20 16.69 9.66
CA GLY B 51 -29.44 16.12 9.16
C GLY B 51 -29.24 14.67 8.80
N TYR B 52 -30.36 13.97 8.65
CA TYR B 52 -30.35 12.56 8.27
C TYR B 52 -31.29 12.34 7.10
N ILE B 53 -31.27 11.13 6.57
CA ILE B 53 -32.11 10.75 5.43
C ILE B 53 -32.53 9.31 5.59
N TYR B 54 -33.79 9.03 5.25
CA TYR B 54 -34.33 7.69 5.24
C TYR B 54 -33.99 7.02 3.91
N TYR B 55 -34.08 5.68 3.89
CA TYR B 55 -33.76 4.95 2.67
C TYR B 55 -34.75 5.24 1.54
N THR B 56 -35.90 5.84 1.84
CA THR B 56 -36.89 6.18 0.82
C THR B 56 -36.66 7.55 0.20
N GLY B 57 -35.83 8.39 0.82
CA GLY B 57 -35.58 9.73 0.32
C GLY B 57 -36.03 10.85 1.25
N SER B 58 -36.85 10.56 2.25
CA SER B 58 -37.28 11.59 3.17
C SER B 58 -36.09 12.12 3.98
N THR B 59 -36.04 13.44 4.13
CA THR B 59 -34.94 14.12 4.80
C THR B 59 -35.47 14.97 5.94
N TYR B 60 -34.58 15.24 6.89
CA TYR B 60 -34.92 16.06 8.06
C TYR B 60 -33.62 16.74 8.50
N TYR B 61 -33.50 18.02 8.17
CA TYR B 61 -32.29 18.78 8.41
C TYR B 61 -32.40 19.61 9.68
N ASN B 62 -31.24 19.99 10.21
CA ASN B 62 -31.19 21.00 11.27
C ASN B 62 -31.65 22.32 10.68
N PRO B 63 -32.73 22.93 11.20
CA PRO B 63 -33.23 24.18 10.60
C PRO B 63 -32.23 25.32 10.62
N SER B 64 -31.16 25.23 11.41
CA SER B 64 -30.13 26.26 11.38
C SER B 64 -29.27 26.19 10.12
N LEU B 65 -29.37 25.10 9.36
CA LEU B 65 -28.64 24.93 8.11
C LEU B 65 -29.56 24.44 6.99
N LYS B 66 -30.87 24.41 7.22
CA LYS B 66 -31.80 23.85 6.25
C LYS B 66 -31.71 24.53 4.90
N SER B 67 -31.47 25.84 4.89
CA SER B 67 -31.41 26.59 3.65
C SER B 67 -30.18 26.25 2.80
N ARG B 68 -29.16 25.64 3.40
CA ARG B 68 -27.90 25.39 2.71
C ARG B 68 -27.56 23.91 2.57
N VAL B 69 -28.37 23.01 3.12
CA VAL B 69 -28.02 21.59 3.22
C VAL B 69 -28.92 20.77 2.31
N SER B 70 -28.33 19.82 1.60
CA SER B 70 -29.07 18.88 0.76
C SER B 70 -28.44 17.50 0.92
N ILE B 71 -29.18 16.58 1.53
CA ILE B 71 -28.71 15.21 1.75
C ILE B 71 -29.49 14.28 0.83
N SER B 72 -28.76 13.47 0.06
CA SER B 72 -29.37 12.51 -0.85
C SER B 72 -28.91 11.10 -0.49
N VAL B 73 -29.64 10.11 -1.02
CA VAL B 73 -29.33 8.71 -0.81
C VAL B 73 -29.35 7.99 -2.15
N ASP B 74 -28.49 6.99 -2.28
CA ASP B 74 -28.44 6.13 -3.46
C ASP B 74 -28.42 4.69 -2.96
N ARG B 75 -29.61 4.09 -2.83
CA ARG B 75 -29.70 2.74 -2.31
C ARG B 75 -29.15 1.71 -3.28
N SER B 76 -29.17 2.01 -4.59
CA SER B 76 -28.61 1.09 -5.56
C SER B 76 -27.09 0.97 -5.41
N LYS B 77 -26.43 2.04 -5.00
CA LYS B 77 -24.99 2.03 -4.75
C LYS B 77 -24.65 2.02 -3.27
N ASN B 78 -25.66 1.92 -2.40
CA ASN B 78 -25.46 1.80 -0.95
C ASN B 78 -24.67 2.99 -0.39
N GLN B 79 -25.02 4.19 -0.84
CA GLN B 79 -24.35 5.40 -0.41
C GLN B 79 -25.36 6.48 -0.11
N PHE B 80 -24.94 7.47 0.68
CA PHE B 80 -25.70 8.69 0.88
C PHE B 80 -24.72 9.85 1.00
N SER B 81 -25.11 11.00 0.45
CA SER B 81 -24.21 12.12 0.25
C SER B 81 -24.72 13.36 0.97
N LEU B 82 -23.83 14.35 1.09
CA LEU B 82 -24.14 15.63 1.72
C LEU B 82 -23.67 16.76 0.82
N LYS B 83 -24.48 17.81 0.71
CA LYS B 83 -24.13 19.00 -0.06
C LYS B 83 -24.44 20.23 0.78
N LEU B 84 -23.43 21.08 0.99
CA LEU B 84 -23.57 22.33 1.72
C LEU B 84 -23.16 23.47 0.81
N SER B 85 -24.09 24.39 0.57
CA SER B 85 -23.89 25.48 -0.38
C SER B 85 -23.43 26.75 0.34
N SER B 86 -22.83 27.65 -0.44
CA SER B 86 -22.37 28.95 0.04
C SER B 86 -21.53 28.81 1.31
N VAL B 87 -20.50 27.96 1.22
CA VAL B 87 -19.67 27.68 2.38
C VAL B 87 -18.82 28.90 2.74
N THR B 88 -18.46 29.00 4.01
CA THR B 88 -17.60 30.05 4.52
C THR B 88 -16.57 29.43 5.45
N ALA B 89 -15.65 30.26 5.95
CA ALA B 89 -14.64 29.76 6.88
C ALA B 89 -15.27 29.18 8.14
N ALA B 90 -16.49 29.63 8.47
CA ALA B 90 -17.22 29.07 9.59
C ALA B 90 -17.64 27.62 9.36
N ASP B 91 -17.56 27.13 8.13
CA ASP B 91 -17.93 25.76 7.80
C ASP B 91 -16.75 24.81 7.77
N THR B 92 -15.54 25.31 8.00
CA THR B 92 -14.38 24.42 8.12
C THR B 92 -14.54 23.55 9.35
N ALA B 93 -14.66 22.24 9.14
CA ALA B 93 -14.92 21.32 10.24
C ALA B 93 -14.63 19.90 9.77
N VAL B 94 -14.54 19.00 10.74
CA VAL B 94 -14.52 17.57 10.47
C VAL B 94 -15.95 17.08 10.39
N TYR B 95 -16.30 16.45 9.28
CA TYR B 95 -17.66 16.00 9.02
C TYR B 95 -17.74 14.49 9.19
N TYR B 96 -18.75 14.03 9.92
CA TYR B 96 -18.94 12.61 10.19
C TYR B 96 -20.28 12.17 9.60
N CYS B 97 -20.32 10.94 9.10
CA CYS B 97 -21.57 10.25 8.81
C CYS B 97 -21.76 9.14 9.82
N ALA B 98 -23.00 8.97 10.28
CA ALA B 98 -23.29 8.00 11.34
C ALA B 98 -24.67 7.42 11.12
N ARG B 99 -24.82 6.15 11.49
CA ARG B 99 -26.11 5.48 11.44
C ARG B 99 -26.93 5.92 12.65
N LEU B 100 -28.12 6.46 12.39
CA LEU B 100 -28.99 6.95 13.45
C LEU B 100 -30.04 5.89 13.73
N VAL B 101 -30.05 5.38 14.95
CA VAL B 101 -30.98 4.33 15.37
C VAL B 101 -32.10 5.00 16.17
N VAL B 102 -33.34 4.79 15.74
CA VAL B 102 -34.51 5.31 16.43
C VAL B 102 -35.57 4.22 16.49
N PRO B 103 -35.42 3.22 17.36
CA PRO B 103 -36.36 2.09 17.38
C PRO B 103 -37.62 2.34 18.20
N SER B 104 -37.63 3.36 19.05
CA SER B 104 -38.75 3.61 19.95
C SER B 104 -38.62 5.02 20.48
N PRO B 105 -39.68 5.57 21.10
CA PRO B 105 -39.54 6.87 21.76
C PRO B 105 -38.73 6.83 23.04
N LYS B 106 -38.27 5.64 23.46
CA LYS B 106 -37.42 5.54 24.64
C LYS B 106 -36.13 6.33 24.44
N GLY B 107 -35.43 6.10 23.33
CA GLY B 107 -34.19 6.81 23.08
C GLY B 107 -33.76 6.65 21.64
N SER B 108 -32.63 7.28 21.32
CA SER B 108 -32.03 7.20 19.99
C SER B 108 -30.53 7.47 20.13
N TRP B 109 -29.76 6.89 19.21
CA TRP B 109 -28.30 6.98 19.30
C TRP B 109 -27.68 6.87 17.91
N PHE B 110 -26.41 7.28 17.83
CA PHE B 110 -25.63 7.22 16.60
C PHE B 110 -24.59 6.11 16.73
N ASP B 111 -24.70 5.09 15.88
CA ASP B 111 -23.74 3.98 15.92
C ASP B 111 -23.88 3.14 14.65
N PRO B 112 -22.78 2.89 13.92
CA PRO B 112 -21.46 3.44 14.19
C PRO B 112 -21.22 4.78 13.51
N TRP B 113 -19.96 5.21 13.47
CA TRP B 113 -19.58 6.48 12.88
C TRP B 113 -18.57 6.26 11.75
N GLY B 114 -18.53 7.23 10.83
CA GLY B 114 -17.42 7.31 9.91
C GLY B 114 -16.16 7.81 10.58
N GLN B 115 -15.03 7.61 9.91
CA GLN B 115 -13.75 8.02 10.47
C GLN B 115 -13.52 9.53 10.40
N GLY B 116 -14.42 10.29 9.78
CA GLY B 116 -14.30 11.73 9.74
C GLY B 116 -13.53 12.27 8.54
N THR B 117 -14.05 13.33 7.93
CA THR B 117 -13.41 13.99 6.80
C THR B 117 -13.22 15.46 7.14
N LEU B 118 -11.97 15.90 7.25
CA LEU B 118 -11.67 17.31 7.49
C LEU B 118 -11.83 18.08 6.18
N VAL B 119 -12.73 19.06 6.17
CA VAL B 119 -12.94 19.92 5.02
C VAL B 119 -12.55 21.34 5.42
N THR B 120 -11.53 21.88 4.75
CA THR B 120 -11.06 23.23 5.00
C THR B 120 -11.66 24.16 3.95
N VAL B 121 -12.27 25.25 4.41
CA VAL B 121 -12.82 26.27 3.53
C VAL B 121 -11.83 27.43 3.51
N SER B 122 -11.13 27.59 2.39
CA SER B 122 -10.14 28.64 2.26
C SER B 122 -9.97 28.98 0.79
N SER B 123 -9.31 30.11 0.53
CA SER B 123 -8.99 30.54 -0.81
C SER B 123 -7.58 30.15 -1.25
N ALA B 124 -6.74 29.73 -0.32
CA ALA B 124 -5.38 29.31 -0.67
C ALA B 124 -5.43 28.05 -1.52
N SER B 125 -4.64 28.03 -2.59
CA SER B 125 -4.66 26.92 -3.53
C SER B 125 -4.03 25.68 -2.92
N THR B 126 -4.48 24.52 -3.38
CA THR B 126 -3.92 23.25 -2.93
C THR B 126 -2.45 23.18 -3.29
N LYS B 127 -1.61 22.75 -2.35
CA LYS B 127 -0.19 22.58 -2.63
C LYS B 127 0.32 21.31 -1.98
N GLY B 128 1.09 20.54 -2.75
CA GLY B 128 1.70 19.32 -2.27
C GLY B 128 2.91 19.60 -1.41
N PRO B 129 3.21 18.70 -0.48
CA PRO B 129 4.32 18.93 0.44
C PRO B 129 5.67 18.51 -0.14
N SER B 130 6.71 19.12 0.41
CA SER B 130 8.09 18.70 0.16
C SER B 130 8.56 17.89 1.36
N VAL B 131 9.13 16.72 1.10
CA VAL B 131 9.51 15.78 2.14
C VAL B 131 11.04 15.67 2.16
N PHE B 132 11.62 15.95 3.33
CA PHE B 132 13.05 15.87 3.54
C PHE B 132 13.35 14.90 4.67
N PRO B 133 14.39 14.08 4.54
CA PRO B 133 14.69 13.09 5.58
C PRO B 133 15.38 13.72 6.78
N LEU B 134 14.93 13.32 7.97
CA LEU B 134 15.56 13.72 9.22
C LEU B 134 16.54 12.61 9.60
N ALA B 135 17.82 12.85 9.35
CA ALA B 135 18.79 11.78 9.51
C ALA B 135 19.23 11.66 10.97
N PRO B 136 19.38 10.43 11.47
CA PRO B 136 19.88 10.25 12.83
C PRO B 136 21.38 10.49 12.90
N SER B 137 21.82 11.01 14.04
CA SER B 137 23.23 11.33 14.24
C SER B 137 23.57 11.08 15.69
N SER B 138 24.38 10.05 15.94
CA SER B 138 24.79 9.70 17.29
C SER B 138 26.17 9.04 17.29
N GLY B 144 22.01 3.91 23.06
CA GLY B 144 21.34 2.67 22.70
C GLY B 144 20.27 2.86 21.65
N THR B 145 19.48 3.91 21.79
CA THR B 145 18.40 4.22 20.86
C THR B 145 18.66 5.55 20.17
N ALA B 146 18.31 5.62 18.90
CA ALA B 146 18.47 6.82 18.09
C ALA B 146 17.11 7.27 17.57
N ALA B 147 17.02 8.54 17.20
CA ALA B 147 15.78 9.14 16.73
C ALA B 147 15.97 9.62 15.29
N LEU B 148 15.05 9.22 14.42
CA LEU B 148 15.05 9.63 13.02
C LEU B 148 13.62 9.88 12.60
N GLY B 149 13.46 10.59 11.49
CA GLY B 149 12.12 10.94 11.06
C GLY B 149 12.08 11.54 9.68
N CYS B 150 10.95 12.19 9.41
CA CYS B 150 10.70 12.83 8.12
C CYS B 150 10.11 14.21 8.36
N LEU B 151 10.42 15.13 7.45
CA LEU B 151 9.92 16.49 7.50
C LEU B 151 8.98 16.71 6.32
N VAL B 152 7.73 17.04 6.62
CA VAL B 152 6.70 17.31 5.62
C VAL B 152 6.45 18.82 5.64
N LYS B 153 6.96 19.52 4.63
CA LYS B 153 7.03 20.98 4.64
C LYS B 153 6.20 21.59 3.52
N ASP B 154 5.54 22.70 3.84
CA ASP B 154 4.90 23.59 2.87
C ASP B 154 3.83 22.87 2.05
N TYR B 155 2.70 22.62 2.70
CA TYR B 155 1.56 22.01 2.01
C TYR B 155 0.27 22.69 2.45
N PHE B 156 -0.76 22.50 1.62
CA PHE B 156 -2.09 23.03 1.89
C PHE B 156 -3.08 22.29 1.02
N PRO B 157 -4.25 21.90 1.54
CA PRO B 157 -4.60 22.07 2.95
C PRO B 157 -4.24 20.84 3.78
N GLU B 158 -4.70 20.83 5.03
CA GLU B 158 -4.56 19.66 5.88
C GLU B 158 -5.59 18.61 5.47
N PRO B 159 -5.35 17.33 5.82
CA PRO B 159 -4.21 16.75 6.54
C PRO B 159 -3.28 15.94 5.63
N VAL B 160 -2.14 15.52 6.17
CA VAL B 160 -1.26 14.56 5.52
C VAL B 160 -1.19 13.31 6.37
N THR B 161 -1.04 12.17 5.69
CA THR B 161 -0.94 10.87 6.35
C THR B 161 0.49 10.35 6.21
N VAL B 162 1.10 10.01 7.33
CA VAL B 162 2.47 9.52 7.38
C VAL B 162 2.47 8.15 8.05
N SER B 163 3.00 7.15 7.34
CA SER B 163 3.25 5.83 7.90
C SER B 163 4.70 5.46 7.65
N TRP B 164 5.17 4.44 8.36
CA TRP B 164 6.56 4.00 8.28
C TRP B 164 6.61 2.55 7.84
N ASN B 165 7.42 2.27 6.82
CA ASN B 165 7.57 0.92 6.26
C ASN B 165 6.22 0.33 5.86
N SER B 166 5.38 1.18 5.27
CA SER B 166 4.04 0.78 4.81
C SER B 166 3.21 0.20 5.96
N GLY B 167 3.37 0.78 7.15
CA GLY B 167 2.63 0.36 8.31
C GLY B 167 3.31 -0.70 9.16
N ALA B 168 4.42 -1.28 8.68
CA ALA B 168 5.12 -2.30 9.44
C ALA B 168 5.84 -1.74 10.66
N LEU B 169 6.00 -0.43 10.76
CA LEU B 169 6.62 0.22 11.90
C LEU B 169 5.61 1.20 12.50
N THR B 170 5.16 0.91 13.72
CA THR B 170 4.19 1.76 14.40
C THR B 170 4.65 2.08 15.81
N SER B 171 5.35 1.13 16.44
CA SER B 171 5.84 1.34 17.79
C SER B 171 6.95 2.38 17.79
N GLY B 172 6.86 3.36 18.68
CA GLY B 172 7.83 4.43 18.76
C GLY B 172 7.63 5.54 17.75
N VAL B 173 6.64 5.42 16.86
CA VAL B 173 6.38 6.47 15.87
C VAL B 173 5.65 7.62 16.56
N HIS B 174 6.03 8.85 16.20
CA HIS B 174 5.41 10.04 16.77
C HIS B 174 5.24 11.06 15.65
N THR B 175 4.04 11.11 15.07
CA THR B 175 3.70 12.07 14.02
C THR B 175 3.13 13.31 14.69
N PHE B 176 3.93 14.37 14.74
CA PHE B 176 3.53 15.57 15.47
C PHE B 176 2.45 16.33 14.70
N PRO B 177 1.61 17.08 15.41
CA PRO B 177 0.63 17.94 14.73
C PRO B 177 1.34 19.02 13.91
N ALA B 178 0.71 19.39 12.80
CA ALA B 178 1.29 20.35 11.89
C ALA B 178 1.45 21.72 12.55
N VAL B 179 2.19 22.59 11.87
CA VAL B 179 2.36 23.98 12.27
C VAL B 179 1.93 24.85 11.10
N LEU B 180 1.21 25.93 11.41
CA LEU B 180 0.80 26.90 10.40
C LEU B 180 1.86 27.98 10.29
N GLN B 181 2.43 28.14 9.11
CA GLN B 181 3.46 29.14 8.89
C GLN B 181 2.82 30.46 8.44
N SER B 182 3.61 31.53 8.54
CA SER B 182 3.13 32.85 8.14
C SER B 182 2.63 32.88 6.71
N SER B 183 3.25 32.09 5.81
CA SER B 183 2.83 32.03 4.42
C SER B 183 1.44 31.42 4.25
N GLY B 184 0.87 30.84 5.29
CA GLY B 184 -0.40 30.16 5.20
C GLY B 184 -0.31 28.68 4.86
N LEU B 185 0.89 28.15 4.67
CA LEU B 185 1.09 26.75 4.35
C LEU B 185 1.43 25.97 5.61
N TYR B 186 1.10 24.68 5.59
CA TYR B 186 1.29 23.81 6.74
C TYR B 186 2.62 23.06 6.62
N SER B 187 3.08 22.54 7.75
CA SER B 187 4.34 21.81 7.81
C SER B 187 4.37 21.00 9.09
N LEU B 188 4.71 19.71 8.97
CA LEU B 188 4.83 18.84 10.13
C LEU B 188 5.97 17.87 9.91
N SER B 189 6.35 17.20 11.00
CA SER B 189 7.37 16.17 10.97
C SER B 189 6.87 14.94 11.72
N SER B 190 7.34 13.78 11.31
CA SER B 190 7.03 12.53 11.97
C SER B 190 8.32 11.77 12.22
N VAL B 191 8.52 11.32 13.45
CA VAL B 191 9.74 10.66 13.86
C VAL B 191 9.41 9.34 14.54
N VAL B 192 10.43 8.48 14.61
CA VAL B 192 10.34 7.20 15.30
C VAL B 192 11.69 6.91 15.93
N THR B 193 11.67 6.43 17.18
CA THR B 193 12.88 6.06 17.88
C THR B 193 13.16 4.58 17.69
N VAL B 194 14.36 4.26 17.24
CA VAL B 194 14.74 2.89 16.89
C VAL B 194 16.07 2.56 17.54
N PRO B 195 16.38 1.28 17.68
CA PRO B 195 17.71 0.90 18.20
C PRO B 195 18.82 1.34 17.26
N SER B 196 19.95 1.73 17.86
CA SER B 196 21.09 2.22 17.09
C SER B 196 21.71 1.13 16.23
N SER B 197 21.77 -0.10 16.75
CA SER B 197 22.40 -1.20 16.04
C SER B 197 21.70 -1.56 14.74
N SER B 198 20.48 -1.08 14.53
CA SER B 198 19.70 -1.40 13.35
C SER B 198 19.90 -0.39 12.21
N LEU B 199 20.71 0.65 12.41
CA LEU B 199 20.80 1.72 11.43
C LEU B 199 21.49 1.26 10.15
N GLY B 200 22.52 0.41 10.29
CA GLY B 200 23.26 -0.05 9.13
C GLY B 200 22.62 -1.20 8.37
N THR B 201 21.62 -1.85 8.95
CA THR B 201 20.96 -2.98 8.31
C THR B 201 19.47 -2.72 8.08
N GLN B 202 18.75 -2.28 9.10
CA GLN B 202 17.31 -2.04 8.95
C GLN B 202 17.05 -0.77 8.17
N THR B 203 16.19 -0.86 7.16
CA THR B 203 15.81 0.28 6.35
C THR B 203 14.55 0.91 6.91
N TYR B 204 14.52 2.25 6.94
CA TYR B 204 13.40 3.00 7.48
C TYR B 204 12.90 3.98 6.42
N ILE B 205 11.65 3.79 5.99
CA ILE B 205 11.06 4.59 4.92
C ILE B 205 9.72 5.12 5.42
N CYS B 206 9.55 6.44 5.37
CA CYS B 206 8.29 7.06 5.72
C CYS B 206 7.44 7.24 4.46
N ASN B 207 6.15 6.96 4.59
CA ASN B 207 5.21 7.04 3.48
C ASN B 207 4.28 8.23 3.72
N VAL B 208 4.50 9.31 2.98
CA VAL B 208 3.74 10.53 3.12
C VAL B 208 2.62 10.54 2.09
N ASN B 209 1.40 10.77 2.54
CA ASN B 209 0.22 10.81 1.67
C ASN B 209 -0.51 12.12 1.91
N HIS B 210 -0.72 12.89 0.83
CA HIS B 210 -1.45 14.14 0.86
C HIS B 210 -2.55 14.04 -0.20
N LYS B 211 -3.70 13.49 0.22
CA LYS B 211 -4.79 13.26 -0.73
C LYS B 211 -5.28 14.50 -1.46
N PRO B 212 -5.34 15.70 -0.85
CA PRO B 212 -5.78 16.88 -1.62
C PRO B 212 -4.98 17.12 -2.89
N SER B 213 -3.71 16.74 -2.94
CA SER B 213 -2.90 16.89 -4.14
C SER B 213 -2.58 15.56 -4.82
N ASN B 214 -3.10 14.45 -4.29
CA ASN B 214 -2.88 13.13 -4.88
C ASN B 214 -1.40 12.82 -5.02
N THR B 215 -0.61 13.25 -4.03
CA THR B 215 0.84 13.06 -4.03
C THR B 215 1.20 12.08 -2.91
N LYS B 216 1.83 10.97 -3.29
CA LYS B 216 2.36 10.00 -2.34
C LYS B 216 3.85 9.83 -2.62
N VAL B 217 4.67 10.10 -1.62
CA VAL B 217 6.12 9.98 -1.75
C VAL B 217 6.66 9.11 -0.64
N ASP B 218 7.73 8.37 -0.94
CA ASP B 218 8.40 7.51 0.03
C ASP B 218 9.86 7.95 0.10
N LYS B 219 10.27 8.46 1.26
CA LYS B 219 11.62 8.94 1.48
C LYS B 219 12.35 7.98 2.42
N LYS B 220 13.43 7.39 1.93
CA LYS B 220 14.25 6.50 2.75
C LYS B 220 15.17 7.33 3.62
N VAL B 221 15.15 7.08 4.92
CA VAL B 221 15.92 7.86 5.89
C VAL B 221 17.20 7.09 6.19
N GLU B 222 18.33 7.61 5.73
CA GLU B 222 19.64 7.02 5.91
C GLU B 222 20.54 7.95 6.73
N PRO B 223 21.50 7.38 7.47
CA PRO B 223 22.37 8.21 8.32
C PRO B 223 23.21 9.21 7.54
N LYS B 224 23.55 10.31 8.20
CA LYS B 224 24.30 11.39 7.56
C LYS B 224 25.62 10.88 7.01
N SER B 225 26.05 11.49 5.90
CA SER B 225 27.32 11.15 5.28
C SER B 225 27.81 12.32 4.43
N SER C 1 -34.78 26.60 25.00
CA SER C 1 -33.39 26.82 25.39
C SER C 1 -32.44 26.15 24.41
N TYR C 2 -32.56 24.83 24.33
CA TYR C 2 -31.89 23.96 23.36
C TYR C 2 -30.44 23.71 23.72
N GLU C 3 -29.75 24.70 24.28
CA GLU C 3 -28.35 24.45 24.57
C GLU C 3 -28.26 23.47 25.72
N LEU C 4 -27.67 22.31 25.49
CA LEU C 4 -27.48 21.36 26.57
C LEU C 4 -26.22 21.70 27.33
N THR C 5 -26.31 21.68 28.65
CA THR C 5 -25.25 22.21 29.50
C THR C 5 -24.53 21.08 30.22
N GLN C 6 -23.21 21.04 30.05
CA GLN C 6 -22.32 20.13 30.73
C GLN C 6 -21.26 20.95 31.47
N PRO C 7 -20.64 20.39 32.51
CA PRO C 7 -19.48 21.06 33.11
C PRO C 7 -18.34 21.10 32.10
N ALA C 8 -17.60 22.22 32.12
CA ALA C 8 -16.49 22.38 31.18
C ALA C 8 -15.43 21.31 31.38
N SER C 9 -15.12 20.99 32.63
CA SER C 9 -14.13 19.98 32.94
C SER C 9 -14.46 19.34 34.29
N VAL C 10 -14.19 18.04 34.39
CA VAL C 10 -14.29 17.31 35.64
C VAL C 10 -13.02 16.49 35.79
N SER C 11 -12.70 16.16 37.05
CA SER C 11 -11.46 15.45 37.34
C SER C 11 -11.69 14.55 38.54
N GLY C 12 -10.91 13.46 38.58
CA GLY C 12 -10.98 12.53 39.69
C GLY C 12 -9.71 11.72 39.80
N SER C 13 -9.59 11.01 40.91
CA SER C 13 -8.39 10.24 41.17
C SER C 13 -8.52 8.83 40.60
N PRO C 14 -7.39 8.18 40.30
CA PRO C 14 -7.45 6.82 39.75
C PRO C 14 -8.13 5.85 40.71
N GLY C 15 -8.97 4.99 40.14
CA GLY C 15 -9.73 4.02 40.91
C GLY C 15 -10.99 4.55 41.56
N GLN C 16 -11.26 5.85 41.45
CA GLN C 16 -12.42 6.47 42.05
C GLN C 16 -13.55 6.58 41.03
N SER C 17 -14.62 7.27 41.42
CA SER C 17 -15.78 7.48 40.57
C SER C 17 -16.01 8.96 40.34
N ILE C 18 -16.46 9.30 39.13
CA ILE C 18 -16.83 10.66 38.77
C ILE C 18 -18.20 10.61 38.10
N THR C 19 -18.87 11.76 38.08
CA THR C 19 -20.17 11.89 37.45
C THR C 19 -20.20 13.16 36.61
N ILE C 20 -20.68 13.03 35.37
CA ILE C 20 -20.78 14.16 34.44
C ILE C 20 -22.26 14.51 34.30
N SER C 21 -22.59 15.78 34.52
CA SER C 21 -23.96 16.24 34.43
C SER C 21 -24.27 16.72 33.01
N CYS C 22 -25.55 16.65 32.65
CA CYS C 22 -26.05 17.05 31.33
C CYS C 22 -27.40 17.71 31.56
N THR C 23 -27.40 19.04 31.63
CA THR C 23 -28.58 19.80 32.03
C THR C 23 -29.28 20.36 30.79
N GLY C 24 -30.59 20.14 30.72
CA GLY C 24 -31.41 20.73 29.69
C GLY C 24 -32.63 21.42 30.27
N THR C 25 -33.61 21.74 29.43
CA THR C 25 -34.86 22.35 29.88
C THR C 25 -36.06 21.46 29.67
N SER C 26 -36.12 20.73 28.55
CA SER C 26 -37.20 19.78 28.28
C SER C 26 -37.27 18.72 29.38
N ILE C 27 -38.34 18.73 30.16
CA ILE C 27 -38.53 17.80 31.27
C ILE C 27 -39.43 16.68 30.78
N ASP C 28 -38.81 15.59 30.34
CA ASP C 28 -39.51 14.38 29.92
C ASP C 28 -39.76 13.48 31.14
N VAL C 29 -40.88 12.76 31.11
CA VAL C 29 -41.29 11.94 32.24
C VAL C 29 -40.82 10.51 32.02
N GLY C 30 -40.12 9.96 33.01
CA GLY C 30 -39.82 8.53 33.00
C GLY C 30 -38.97 8.09 31.83
N ASN C 31 -39.28 6.89 31.34
CA ASN C 31 -38.54 6.24 30.26
C ASN C 31 -38.95 6.79 28.90
N TYR C 32 -38.78 8.11 28.72
CA TYR C 32 -39.16 8.75 27.48
C TYR C 32 -38.07 9.74 27.08
N ASN C 33 -37.64 9.66 25.82
CA ASN C 33 -36.55 10.48 25.28
C ASN C 33 -35.31 10.40 26.18
N LEU C 34 -34.80 9.19 26.33
CA LEU C 34 -33.62 8.97 27.16
C LEU C 34 -32.36 9.34 26.38
N ALA C 35 -31.44 10.00 27.06
CA ALA C 35 -30.27 10.56 26.41
C ALA C 35 -29.26 9.46 26.06
N SER C 36 -28.20 9.87 25.36
CA SER C 36 -27.09 9.01 25.03
C SER C 36 -25.79 9.72 25.35
N TRP C 37 -24.71 8.95 25.43
CA TRP C 37 -23.40 9.48 25.83
C TRP C 37 -22.33 8.96 24.88
N TYR C 38 -21.34 9.81 24.61
CA TYR C 38 -20.30 9.49 23.64
C TYR C 38 -18.93 9.88 24.20
N GLN C 39 -17.94 9.05 23.92
CA GLN C 39 -16.55 9.32 24.30
C GLN C 39 -15.75 9.63 23.04
N GLN C 40 -14.97 10.71 23.09
CA GLN C 40 -14.12 11.09 21.97
C GLN C 40 -12.70 11.26 22.47
N HIS C 41 -11.80 10.42 21.98
CA HIS C 41 -10.38 10.59 22.20
C HIS C 41 -9.79 11.49 21.11
N PRO C 42 -8.66 12.13 21.38
CA PRO C 42 -8.09 13.06 20.40
C PRO C 42 -7.86 12.41 19.04
N GLY C 43 -8.33 13.08 17.99
CA GLY C 43 -8.15 12.59 16.64
C GLY C 43 -8.99 11.41 16.25
N LYS C 44 -9.96 11.01 17.08
CA LYS C 44 -10.81 9.87 16.80
C LYS C 44 -12.27 10.32 16.71
N ALA C 45 -13.07 9.49 16.05
CA ALA C 45 -14.51 9.73 15.98
C ALA C 45 -15.16 9.40 17.33
N PRO C 46 -16.31 9.99 17.61
CA PRO C 46 -17.01 9.68 18.86
C PRO C 46 -17.40 8.21 18.94
N LYS C 47 -17.39 7.68 20.16
CA LYS C 47 -17.70 6.28 20.43
C LYS C 47 -18.88 6.22 21.39
N LEU C 48 -19.89 5.44 21.04
CA LEU C 48 -21.09 5.33 21.86
C LEU C 48 -20.79 4.55 23.13
N ILE C 49 -21.09 5.16 24.29
CA ILE C 49 -20.91 4.52 25.58
C ILE C 49 -22.26 4.13 26.20
N ILE C 50 -23.22 5.04 26.18
CA ILE C 50 -24.52 4.82 26.81
C ILE C 50 -25.61 5.21 25.82
N TYR C 51 -26.65 4.39 25.75
CA TYR C 51 -27.84 4.70 24.98
C TYR C 51 -29.06 4.33 25.80
N GLU C 52 -30.18 4.98 25.49
CA GLU C 52 -31.41 4.85 26.28
C GLU C 52 -31.14 5.09 27.76
N GLY C 53 -30.46 6.20 28.06
CA GLY C 53 -30.25 6.61 29.42
C GLY C 53 -29.28 5.77 30.22
N SER C 54 -29.40 4.44 30.15
CA SER C 54 -28.56 3.57 30.97
C SER C 54 -28.02 2.34 30.26
N ARG C 55 -28.61 1.89 29.15
CA ARG C 55 -28.12 0.71 28.47
C ARG C 55 -26.78 0.96 27.79
N ARG C 56 -25.94 -0.08 27.74
CA ARG C 56 -24.61 -0.02 27.16
C ARG C 56 -24.50 -0.91 25.94
N PRO C 57 -23.79 -0.49 24.89
CA PRO C 57 -23.51 -1.39 23.79
C PRO C 57 -22.60 -2.52 24.23
N SER C 58 -22.67 -3.63 23.51
CA SER C 58 -21.78 -4.75 23.79
C SER C 58 -20.33 -4.32 23.55
N GLY C 59 -19.46 -4.71 24.47
CA GLY C 59 -18.06 -4.32 24.41
C GLY C 59 -17.71 -3.07 25.20
N VAL C 60 -18.70 -2.36 25.74
CA VAL C 60 -18.44 -1.19 26.58
C VAL C 60 -18.35 -1.66 28.03
N SER C 61 -17.32 -1.19 28.73
CA SER C 61 -17.08 -1.62 30.10
C SER C 61 -18.28 -1.31 30.99
N ASN C 62 -18.50 -2.17 31.98
CA ASN C 62 -19.56 -1.93 32.96
C ASN C 62 -19.19 -0.86 33.99
N ARG C 63 -17.98 -0.31 33.92
CA ARG C 63 -17.62 0.84 34.74
C ARG C 63 -18.39 2.09 34.35
N PHE C 64 -19.09 2.08 33.22
CA PHE C 64 -19.88 3.21 32.76
C PHE C 64 -21.35 2.93 33.03
N SER C 65 -22.04 3.91 33.62
CA SER C 65 -23.44 3.77 33.97
C SER C 65 -24.12 5.13 33.78
N GLY C 66 -25.38 5.08 33.34
CA GLY C 66 -26.14 6.29 33.09
C GLY C 66 -27.40 6.34 33.94
N ALA C 67 -27.83 7.56 34.24
CA ALA C 67 -29.02 7.78 35.05
C ALA C 67 -29.58 9.15 34.70
N LYS C 68 -30.70 9.50 35.34
CA LYS C 68 -31.35 10.77 35.08
C LYS C 68 -32.12 11.20 36.31
N SER C 69 -32.04 12.49 36.63
CA SER C 69 -32.78 13.05 37.75
C SER C 69 -33.88 13.98 37.23
N GLY C 70 -34.73 13.46 36.34
CA GLY C 70 -35.82 14.24 35.79
C GLY C 70 -35.35 15.27 34.78
N ASN C 71 -34.57 16.24 35.24
CA ASN C 71 -34.10 17.34 34.40
C ASN C 71 -32.71 17.12 33.84
N THR C 72 -31.86 16.35 34.53
CA THR C 72 -30.46 16.22 34.14
C THR C 72 -30.09 14.75 34.02
N ALA C 73 -29.45 14.40 32.91
CA ALA C 73 -28.86 13.08 32.75
C ALA C 73 -27.43 13.09 33.30
N SER C 74 -26.98 11.92 33.74
CA SER C 74 -25.67 11.81 34.37
C SER C 74 -24.96 10.55 33.89
N LEU C 75 -23.69 10.72 33.51
CA LEU C 75 -22.81 9.62 33.14
C LEU C 75 -21.81 9.42 34.28
N THR C 76 -21.77 8.20 34.82
CA THR C 76 -20.91 7.88 35.96
C THR C 76 -19.86 6.87 35.53
N ILE C 77 -18.60 7.20 35.79
CA ILE C 77 -17.46 6.35 35.47
C ILE C 77 -16.80 5.94 36.78
N SER C 78 -16.92 4.66 37.13
CA SER C 78 -16.30 4.14 38.34
C SER C 78 -14.96 3.48 37.99
N GLY C 79 -14.08 3.43 38.98
CA GLY C 79 -12.74 2.91 38.77
C GLY C 79 -11.99 3.63 37.66
N LEU C 80 -11.70 4.91 37.88
CA LEU C 80 -11.07 5.74 36.86
C LEU C 80 -9.74 5.13 36.41
N GLN C 81 -9.54 5.10 35.10
CA GLN C 81 -8.30 4.64 34.49
C GLN C 81 -7.74 5.75 33.61
N ALA C 82 -6.47 5.60 33.24
CA ALA C 82 -5.78 6.65 32.48
C ALA C 82 -6.41 6.86 31.12
N GLU C 83 -6.88 5.78 30.47
CA GLU C 83 -7.49 5.94 29.15
C GLU C 83 -8.86 6.59 29.20
N ASP C 84 -9.49 6.67 30.38
CA ASP C 84 -10.76 7.37 30.48
C ASP C 84 -10.62 8.86 30.25
N GLU C 85 -9.40 9.38 30.21
CA GLU C 85 -9.13 10.79 29.96
C GLU C 85 -9.46 11.12 28.51
N ALA C 86 -10.54 11.86 28.29
CA ALA C 86 -11.01 12.20 26.95
C ALA C 86 -12.13 13.23 27.09
N ASP C 87 -12.74 13.58 25.96
CA ASP C 87 -13.93 14.44 25.94
C ASP C 87 -15.18 13.58 25.92
N TYR C 88 -16.23 14.07 26.58
CA TYR C 88 -17.49 13.34 26.67
C TYR C 88 -18.63 14.26 26.32
N TYR C 89 -19.55 13.78 25.46
CA TYR C 89 -20.70 14.53 25.02
C TYR C 89 -21.96 13.73 25.30
N CYS C 90 -22.95 14.38 25.90
CA CYS C 90 -24.29 13.82 25.94
C CYS C 90 -25.08 14.27 24.71
N CYS C 91 -26.14 13.53 24.41
CA CYS C 91 -26.97 13.85 23.26
C CYS C 91 -28.42 13.50 23.56
N SER C 92 -29.32 14.32 23.05
CA SER C 92 -30.75 14.12 23.29
C SER C 92 -31.53 14.76 22.15
N TYR C 93 -32.80 14.39 22.06
CA TYR C 93 -33.73 14.97 21.10
C TYR C 93 -34.52 16.05 21.86
N VAL C 94 -34.15 17.31 21.62
CA VAL C 94 -34.69 18.43 22.39
C VAL C 94 -35.83 19.09 21.63
N GLY C 95 -36.92 19.38 22.34
CA GLY C 95 -38.06 20.07 21.75
C GLY C 95 -38.68 19.35 20.58
N SER C 96 -38.52 18.03 20.49
CA SER C 96 -39.14 17.22 19.44
C SER C 96 -38.87 17.81 18.06
N SER C 97 -37.63 18.24 17.81
CA SER C 97 -37.28 18.86 16.54
C SER C 97 -35.85 18.52 16.10
N THR C 98 -34.86 18.96 16.86
CA THR C 98 -33.47 18.80 16.46
C THR C 98 -32.72 17.92 17.45
N TYR C 99 -31.60 17.38 16.97
CA TYR C 99 -30.67 16.61 17.81
C TYR C 99 -29.57 17.55 18.26
N VAL C 100 -29.36 17.64 19.57
CA VAL C 100 -28.38 18.55 20.15
C VAL C 100 -27.39 17.76 20.97
N PHE C 101 -26.13 18.19 20.94
CA PHE C 101 -25.08 17.63 21.78
C PHE C 101 -24.76 18.60 22.91
N GLY C 102 -24.18 18.06 23.97
CA GLY C 102 -23.84 18.87 25.12
C GLY C 102 -22.67 19.80 24.82
N SER C 103 -22.43 20.72 25.77
CA SER C 103 -21.32 21.65 25.62
C SER C 103 -19.98 20.94 25.54
N GLY C 104 -19.85 19.80 26.20
CA GLY C 104 -18.63 19.02 26.18
C GLY C 104 -17.97 19.04 27.55
N THR C 105 -17.50 17.87 27.98
CA THR C 105 -16.86 17.72 29.28
C THR C 105 -15.48 17.09 29.09
N LYS C 106 -14.44 17.81 29.52
CA LYS C 106 -13.07 17.34 29.44
C LYS C 106 -12.71 16.65 30.76
N VAL C 107 -12.59 15.33 30.72
CA VAL C 107 -12.25 14.55 31.90
C VAL C 107 -10.74 14.41 31.98
N THR C 108 -10.15 14.87 33.08
CA THR C 108 -8.72 14.71 33.34
C THR C 108 -8.54 13.83 34.57
N VAL C 109 -7.73 12.78 34.44
CA VAL C 109 -7.46 11.88 35.54
C VAL C 109 -6.40 12.50 36.44
N LEU C 110 -6.75 12.71 37.71
CA LEU C 110 -5.83 13.33 38.65
C LEU C 110 -4.71 12.37 39.01
N GLY C 111 -3.76 12.86 39.80
CA GLY C 111 -2.67 12.04 40.26
C GLY C 111 -1.49 11.92 39.33
N GLN C 112 -1.49 12.66 38.21
CA GLN C 112 -0.42 12.53 37.23
C GLN C 112 0.83 13.23 37.75
N PRO C 113 1.98 12.55 37.77
CA PRO C 113 3.20 13.17 38.27
C PRO C 113 3.89 14.05 37.23
N LYS C 114 4.78 14.90 37.73
CA LYS C 114 5.54 15.80 36.87
C LYS C 114 6.49 15.01 35.98
N ALA C 115 6.51 15.33 34.69
CA ALA C 115 7.34 14.66 33.71
C ALA C 115 8.20 15.68 32.97
N ASN C 116 9.52 15.43 32.93
CA ASN C 116 10.43 16.31 32.22
C ASN C 116 10.39 16.03 30.72
N PRO C 117 10.51 17.06 29.89
CA PRO C 117 10.39 16.87 28.44
C PRO C 117 11.66 16.30 27.83
N THR C 118 11.47 15.51 26.77
CA THR C 118 12.56 14.94 25.99
C THR C 118 12.71 15.74 24.71
N VAL C 119 13.79 16.50 24.60
CA VAL C 119 14.03 17.36 23.45
C VAL C 119 14.84 16.59 22.41
N THR C 120 14.43 16.72 21.14
CA THR C 120 15.07 16.01 20.03
C THR C 120 15.25 17.01 18.89
N LEU C 121 16.45 17.58 18.80
CA LEU C 121 16.75 18.63 17.82
C LEU C 121 17.45 18.05 16.60
N PHE C 122 17.01 18.48 15.42
CA PHE C 122 17.56 18.04 14.15
C PHE C 122 18.15 19.22 13.38
N PRO C 123 19.16 18.98 12.54
CA PRO C 123 19.69 20.04 11.70
C PRO C 123 19.05 20.00 10.32
N PRO C 124 19.26 21.03 9.50
CA PRO C 124 18.74 20.99 8.13
C PRO C 124 19.38 19.84 7.35
N SER C 125 18.55 19.11 6.62
CA SER C 125 19.05 18.01 5.81
C SER C 125 19.83 18.53 4.62
N SER C 126 20.80 17.73 4.16
CA SER C 126 21.58 18.12 2.99
C SER C 126 20.71 18.26 1.75
N GLU C 127 19.66 17.44 1.65
CA GLU C 127 18.74 17.55 0.52
C GLU C 127 18.01 18.89 0.53
N GLU C 128 17.52 19.31 1.70
CA GLU C 128 16.90 20.62 1.81
C GLU C 128 17.94 21.72 1.60
N LEU C 129 19.13 21.55 2.16
CA LEU C 129 20.20 22.52 1.98
C LEU C 129 20.55 22.67 0.50
N GLN C 130 20.62 21.55 -0.22
CA GLN C 130 20.90 21.61 -1.65
C GLN C 130 19.72 22.15 -2.45
N ALA C 131 18.58 22.38 -1.80
CA ALA C 131 17.46 23.11 -2.40
C ALA C 131 17.42 24.56 -1.92
N ASN C 132 18.53 25.05 -1.36
CA ASN C 132 18.66 26.44 -0.91
C ASN C 132 17.66 26.80 0.18
N LYS C 133 17.27 25.82 0.98
CA LYS C 133 16.40 26.04 2.13
C LYS C 133 17.01 25.36 3.34
N ALA C 134 16.65 25.87 4.53
CA ALA C 134 17.16 25.32 5.77
C ALA C 134 16.11 25.47 6.85
N THR C 135 15.83 24.38 7.56
CA THR C 135 14.86 24.39 8.64
C THR C 135 15.37 23.52 9.78
N LEU C 136 15.42 24.09 10.97
CA LEU C 136 15.72 23.34 12.17
C LEU C 136 14.42 22.86 12.81
N VAL C 137 14.48 21.68 13.42
CA VAL C 137 13.30 21.03 13.98
C VAL C 137 13.61 20.64 15.42
N CYS C 138 12.85 21.20 16.35
CA CYS C 138 13.00 20.89 17.78
C CYS C 138 11.74 20.20 18.25
N LEU C 139 11.87 18.95 18.68
CA LEU C 139 10.73 18.11 19.02
C LEU C 139 10.72 17.87 20.53
N ILE C 140 9.56 18.08 21.14
CA ILE C 140 9.38 18.00 22.58
C ILE C 140 8.26 17.02 22.86
N SER C 141 8.50 16.08 23.78
CA SER C 141 7.52 15.03 24.03
C SER C 141 7.63 14.57 25.48
N ASP C 142 6.59 13.89 25.94
CA ASP C 142 6.56 13.20 27.24
C ASP C 142 6.70 14.18 28.41
N PHE C 143 6.14 15.37 28.29
CA PHE C 143 6.14 16.33 29.38
C PHE C 143 4.72 16.49 29.93
N TYR C 144 4.64 16.67 31.25
CA TYR C 144 3.39 16.88 31.94
C TYR C 144 3.70 17.80 33.12
N PRO C 145 2.90 18.85 33.36
CA PRO C 145 1.72 19.24 32.59
C PRO C 145 2.05 19.78 31.20
N GLY C 146 1.03 19.99 30.38
CA GLY C 146 1.24 20.32 28.99
C GLY C 146 1.40 21.81 28.71
N ALA C 147 2.49 22.39 29.19
CA ALA C 147 2.82 23.77 28.89
C ALA C 147 4.34 23.92 28.90
N VAL C 148 4.89 24.32 27.75
CA VAL C 148 6.32 24.56 27.62
C VAL C 148 6.53 25.82 26.78
N THR C 149 7.65 26.49 27.00
CA THR C 149 8.09 27.61 26.17
C THR C 149 9.44 27.27 25.55
N VAL C 150 9.63 27.71 24.32
CA VAL C 150 10.81 27.35 23.53
C VAL C 150 11.57 28.62 23.18
N ALA C 151 12.88 28.58 23.39
CA ALA C 151 13.77 29.69 23.04
C ALA C 151 14.89 29.14 22.17
N TRP C 152 15.03 29.68 20.97
CA TRP C 152 16.07 29.27 20.04
C TRP C 152 17.35 30.03 20.32
N LYS C 153 18.44 29.58 19.69
CA LYS C 153 19.72 30.17 20.01
C LYS C 153 20.71 29.88 18.89
N ALA C 154 21.31 30.93 18.33
CA ALA C 154 22.41 30.81 17.39
C ALA C 154 23.70 31.02 18.18
N ASP C 155 24.60 30.03 18.13
CA ASP C 155 25.73 29.98 19.04
C ASP C 155 25.23 30.11 20.47
N SER C 156 25.33 31.32 21.04
CA SER C 156 24.78 31.61 22.35
C SER C 156 23.92 32.87 22.35
N SER C 157 23.38 33.26 21.19
CA SER C 157 22.57 34.46 21.00
C SER C 157 21.13 34.09 20.65
N PRO C 158 20.15 34.75 21.26
CA PRO C 158 18.75 34.40 20.99
C PRO C 158 18.33 34.74 19.57
N VAL C 159 17.32 34.00 19.10
CA VAL C 159 16.74 34.19 17.78
C VAL C 159 15.25 34.48 17.96
N LYS C 160 14.66 35.11 16.94
CA LYS C 160 13.24 35.43 16.99
C LYS C 160 12.55 35.19 15.64
N ALA C 161 13.16 35.65 14.56
CA ALA C 161 12.55 35.54 13.24
C ALA C 161 12.63 34.11 12.73
N GLY C 162 11.55 33.66 12.09
CA GLY C 162 11.50 32.33 11.53
C GLY C 162 11.16 31.22 12.49
N VAL C 163 10.62 31.55 13.66
CA VAL C 163 10.26 30.56 14.68
C VAL C 163 8.77 30.30 14.62
N GLU C 164 8.39 29.02 14.58
CA GLU C 164 7.00 28.59 14.60
C GLU C 164 6.88 27.45 15.60
N THR C 165 5.91 27.57 16.52
CA THR C 165 5.77 26.62 17.62
C THR C 165 4.33 26.17 17.75
N THR C 166 4.14 24.86 17.94
CA THR C 166 2.81 24.28 18.08
C THR C 166 2.22 24.58 19.46
N THR C 167 0.92 24.38 19.55
CA THR C 167 0.30 24.26 20.86
C THR C 167 0.50 22.83 21.38
N PRO C 168 0.60 22.65 22.70
CA PRO C 168 0.77 21.30 23.23
C PRO C 168 -0.42 20.42 22.89
N SER C 169 -0.14 19.14 22.65
CA SER C 169 -1.17 18.17 22.31
C SER C 169 -0.99 16.91 23.14
N LYS C 170 -2.09 16.38 23.65
CA LYS C 170 -2.04 15.16 24.44
C LYS C 170 -1.74 13.96 23.55
N GLN C 171 -0.75 13.17 23.95
CA GLN C 171 -0.40 11.97 23.21
C GLN C 171 -1.06 10.75 23.86
N SER C 172 -0.72 9.55 23.38
CA SER C 172 -1.45 8.36 23.78
C SER C 172 -1.27 8.04 25.26
N ASN C 173 -0.07 8.27 25.81
CA ASN C 173 0.21 7.95 27.20
C ASN C 173 -0.19 9.08 28.16
N ASN C 174 -1.05 10.00 27.71
CA ASN C 174 -1.63 11.10 28.47
C ASN C 174 -0.63 12.20 28.78
N LYS C 175 0.64 12.05 28.41
CA LYS C 175 1.58 13.16 28.46
C LYS C 175 1.38 14.03 27.22
N TYR C 176 2.19 15.07 27.10
CA TYR C 176 1.99 16.06 26.06
C TYR C 176 3.20 16.13 25.13
N ALA C 177 3.00 16.81 24.00
CA ALA C 177 4.00 16.83 22.93
C ALA C 177 3.84 18.12 22.14
N ALA C 178 4.95 18.80 21.90
CA ALA C 178 4.97 20.00 21.07
C ALA C 178 6.22 19.96 20.19
N SER C 179 6.21 20.78 19.15
CA SER C 179 7.34 20.89 18.25
C SER C 179 7.55 22.34 17.84
N SER C 180 8.77 22.65 17.43
CA SER C 180 9.14 24.01 17.06
C SER C 180 10.03 23.96 15.81
N TYR C 181 9.92 24.99 14.99
CA TYR C 181 10.62 25.06 13.71
C TYR C 181 11.35 26.39 13.63
N LEU C 182 12.61 26.34 13.19
CA LEU C 182 13.40 27.54 12.94
C LEU C 182 13.83 27.54 11.47
N SER C 183 13.28 28.47 10.71
CA SER C 183 13.64 28.61 9.29
C SER C 183 14.83 29.54 9.14
N LEU C 184 15.76 29.16 8.27
CA LEU C 184 16.99 29.90 8.07
C LEU C 184 17.38 29.84 6.60
N THR C 185 18.15 30.83 6.17
CA THR C 185 18.86 30.68 4.92
C THR C 185 20.10 29.83 5.14
N PRO C 186 20.54 29.08 4.12
CA PRO C 186 21.77 28.29 4.28
C PRO C 186 22.98 29.11 4.68
N GLU C 187 23.02 30.38 4.26
CA GLU C 187 24.10 31.28 4.67
C GLU C 187 24.10 31.47 6.19
N GLN C 188 22.93 31.80 6.76
CA GLN C 188 22.83 31.98 8.20
C GLN C 188 23.25 30.71 8.95
N TRP C 189 22.88 29.54 8.41
CA TRP C 189 23.18 28.29 9.08
C TRP C 189 24.67 28.00 9.08
N LYS C 190 25.33 28.19 7.94
CA LYS C 190 26.75 27.93 7.83
C LYS C 190 27.59 29.01 8.49
N SER C 191 27.04 30.21 8.70
CA SER C 191 27.81 31.28 9.32
C SER C 191 28.09 30.96 10.79
N HIS C 192 27.05 30.66 11.55
CA HIS C 192 27.22 30.40 12.97
C HIS C 192 27.73 28.98 13.19
N ARG C 193 28.44 28.78 14.29
CA ARG C 193 29.02 27.47 14.55
C ARG C 193 27.99 26.45 14.99
N SER C 194 26.88 26.90 15.58
CA SER C 194 25.88 25.97 16.10
C SER C 194 24.61 26.73 16.45
N TYR C 195 23.48 26.03 16.34
CA TYR C 195 22.20 26.54 16.80
C TYR C 195 21.67 25.66 17.92
N SER C 196 20.92 26.27 18.83
CA SER C 196 20.43 25.59 20.02
C SER C 196 18.93 25.77 20.16
N CYS C 197 18.30 24.80 20.83
CA CYS C 197 16.88 24.85 21.17
C CYS C 197 16.76 24.64 22.66
N GLN C 198 16.23 25.63 23.37
CA GLN C 198 16.09 25.59 24.82
C GLN C 198 14.61 25.49 25.16
N VAL C 199 14.24 24.42 25.87
CA VAL C 199 12.86 24.15 26.25
C VAL C 199 12.74 24.29 27.77
N THR C 200 11.80 25.11 28.22
CA THR C 200 11.52 25.32 29.62
C THR C 200 10.19 24.69 29.98
N HIS C 201 10.20 23.83 31.01
CA HIS C 201 8.98 23.20 31.50
C HIS C 201 9.00 23.19 33.02
N GLU C 202 8.10 23.95 33.64
CA GLU C 202 7.96 24.04 35.09
C GLU C 202 9.31 24.35 35.76
N GLY C 203 9.91 25.46 35.33
CA GLY C 203 11.15 25.93 35.91
C GLY C 203 12.40 25.22 35.47
N SER C 204 12.29 23.96 35.02
CA SER C 204 13.46 23.25 34.56
C SER C 204 13.77 23.62 33.11
N THR C 205 15.01 23.37 32.69
CA THR C 205 15.48 23.82 31.40
C THR C 205 16.34 22.73 30.78
N VAL C 206 15.95 22.30 29.57
CA VAL C 206 16.71 21.33 28.79
C VAL C 206 17.06 21.97 27.45
N GLU C 207 18.32 21.87 27.07
CA GLU C 207 18.81 22.47 25.83
C GLU C 207 19.43 21.40 24.95
N LYS C 208 19.47 21.67 23.65
CA LYS C 208 20.11 20.82 22.66
C LYS C 208 20.79 21.71 21.64
N THR C 209 21.89 21.20 21.07
CA THR C 209 22.69 21.98 20.14
C THR C 209 23.06 21.12 18.94
N VAL C 210 23.13 21.75 17.78
CA VAL C 210 23.53 21.09 16.53
C VAL C 210 24.42 22.04 15.76
N ALA C 211 25.37 21.47 15.02
CA ALA C 211 26.34 22.26 14.29
C ALA C 211 26.37 21.84 12.83
N PRO C 212 26.66 22.78 11.92
CA PRO C 212 26.81 22.41 10.50
C PRO C 212 28.01 21.52 10.25
N THR C 213 27.76 20.22 10.09
CA THR C 213 28.83 19.25 9.85
C THR C 213 28.36 18.16 8.88
N CYS D 18 6.04 -16.38 33.78
CA CYS D 18 5.64 -17.10 32.57
C CYS D 18 6.81 -17.15 31.58
N PRO D 19 6.92 -18.25 30.84
CA PRO D 19 8.05 -18.46 29.92
C PRO D 19 7.96 -17.66 28.62
N PHE D 20 7.71 -16.35 28.75
CA PHE D 20 7.68 -15.50 27.57
C PHE D 20 9.05 -15.35 26.93
N GLY D 21 10.12 -15.68 27.65
CA GLY D 21 11.44 -15.66 27.05
C GLY D 21 11.65 -16.78 26.05
N GLU D 22 10.94 -17.90 26.22
CA GLU D 22 11.11 -19.02 25.31
C GLU D 22 10.48 -18.75 23.94
N VAL D 23 9.50 -17.86 23.88
CA VAL D 23 8.77 -17.61 22.65
C VAL D 23 9.41 -16.46 21.88
N PHE D 24 9.55 -15.31 22.54
CA PHE D 24 10.12 -14.14 21.87
C PHE D 24 11.60 -14.36 21.55
N ASN D 25 12.36 -14.86 22.51
CA ASN D 25 13.80 -15.08 22.33
C ASN D 25 14.13 -16.47 21.79
N ALA D 26 13.19 -17.09 21.07
CA ALA D 26 13.45 -18.39 20.47
C ALA D 26 14.45 -18.27 19.32
N THR D 27 15.28 -19.30 19.17
CA THR D 27 16.31 -19.27 18.13
C THR D 27 15.70 -19.47 16.75
N ARG D 28 14.76 -20.42 16.62
CA ARG D 28 14.13 -20.71 15.35
C ARG D 28 12.63 -20.47 15.44
N PHE D 29 12.09 -19.81 14.42
CA PHE D 29 10.67 -19.54 14.31
C PHE D 29 10.05 -20.41 13.24
N ALA D 30 8.75 -20.67 13.38
CA ALA D 30 8.04 -21.55 12.47
C ALA D 30 7.50 -20.77 11.27
N SER D 31 7.18 -21.52 10.21
CA SER D 31 6.54 -20.93 9.05
C SER D 31 5.12 -20.50 9.39
N VAL D 32 4.61 -19.53 8.62
CA VAL D 32 3.33 -18.92 8.94
C VAL D 32 2.19 -19.93 8.75
N TYR D 33 2.27 -20.77 7.72
CA TYR D 33 1.20 -21.73 7.48
C TYR D 33 1.17 -22.78 8.58
N ALA D 34 2.33 -23.23 9.05
CA ALA D 34 2.40 -24.16 10.17
C ALA D 34 2.86 -23.43 11.42
N TRP D 35 2.11 -22.39 11.80
CA TRP D 35 2.50 -21.56 12.93
C TRP D 35 2.52 -22.36 14.23
N ASN D 36 3.42 -21.97 15.13
CA ASN D 36 3.61 -22.66 16.39
C ASN D 36 2.79 -21.99 17.48
N ARG D 37 2.22 -22.80 18.37
CA ARG D 37 1.38 -22.29 19.45
C ARG D 37 1.91 -22.78 20.78
N LYS D 38 2.21 -21.83 21.67
CA LYS D 38 2.61 -22.11 23.03
C LYS D 38 1.38 -22.05 23.94
N ARG D 39 1.57 -22.28 25.23
CA ARG D 39 0.54 -22.03 26.24
C ARG D 39 1.19 -21.39 27.46
N ILE D 40 0.51 -20.40 28.03
CA ILE D 40 0.97 -19.70 29.23
C ILE D 40 -0.09 -19.85 30.33
N SER D 41 0.34 -20.24 31.53
CA SER D 41 -0.60 -20.57 32.60
C SER D 41 -0.07 -20.01 33.92
N ASN D 42 -0.76 -18.97 34.43
CA ASN D 42 -0.60 -18.37 35.74
C ASN D 42 0.84 -18.16 36.19
N CYS D 43 1.22 -16.89 36.29
CA CYS D 43 2.49 -16.48 36.88
C CYS D 43 2.33 -15.01 37.27
N VAL D 44 3.45 -14.31 37.38
CA VAL D 44 3.43 -12.85 37.52
C VAL D 44 4.10 -12.25 36.29
N ALA D 45 3.42 -12.33 35.15
CA ALA D 45 3.98 -11.84 33.90
C ALA D 45 3.95 -10.32 33.86
N ASP D 46 5.01 -9.72 33.33
CA ASP D 46 5.13 -8.27 33.20
C ASP D 46 4.95 -7.89 31.74
N TYR D 47 3.87 -7.16 31.45
CA TYR D 47 3.60 -6.65 30.12
C TYR D 47 4.07 -5.22 29.94
N SER D 48 4.75 -4.66 30.94
CA SER D 48 5.25 -3.29 30.86
C SER D 48 6.56 -3.22 30.07
N VAL D 49 7.49 -4.14 30.34
CA VAL D 49 8.76 -4.15 29.62
C VAL D 49 8.53 -4.45 28.14
N LEU D 50 7.60 -5.35 27.83
CA LEU D 50 7.36 -5.74 26.44
C LEU D 50 6.95 -4.54 25.59
N TYR D 51 5.99 -3.75 26.07
CA TYR D 51 5.55 -2.58 25.32
C TYR D 51 6.67 -1.55 25.21
N ASN D 52 7.31 -1.22 26.34
CA ASN D 52 8.36 -0.23 26.34
C ASN D 52 9.63 -0.71 25.66
N SER D 53 9.77 -2.02 25.44
CA SER D 53 10.92 -2.54 24.71
C SER D 53 10.94 -1.95 23.31
N ALA D 54 11.85 -1.02 23.05
CA ALA D 54 11.97 -0.34 21.77
C ALA D 54 12.50 -1.24 20.66
N SER D 55 12.50 -2.57 20.86
CA SER D 55 12.94 -3.53 19.86
C SER D 55 11.79 -4.09 19.03
N PHE D 56 10.58 -3.57 19.22
CA PHE D 56 9.40 -4.01 18.48
C PHE D 56 8.96 -2.92 17.52
N SER D 57 8.60 -3.32 16.30
CA SER D 57 8.04 -2.41 15.31
C SER D 57 6.52 -2.38 15.31
N THR D 58 5.87 -3.45 15.77
CA THR D 58 4.42 -3.53 15.84
C THR D 58 4.03 -4.02 17.23
N PHE D 59 3.10 -3.31 17.88
CA PHE D 59 2.62 -3.69 19.20
C PHE D 59 1.19 -3.14 19.33
N LYS D 60 0.26 -3.82 18.68
CA LYS D 60 -1.14 -3.42 18.66
C LYS D 60 -1.97 -4.42 19.46
N CYS D 61 -2.75 -3.91 20.41
CA CYS D 61 -3.62 -4.72 21.23
C CYS D 61 -5.08 -4.47 20.87
N TYR D 62 -5.90 -5.51 20.99
CA TYR D 62 -7.31 -5.44 20.65
C TYR D 62 -8.11 -6.04 21.79
N GLY D 63 -9.18 -5.35 22.18
CA GLY D 63 -10.03 -5.81 23.26
C GLY D 63 -9.50 -5.57 24.66
N VAL D 64 -8.35 -4.92 24.80
CA VAL D 64 -7.78 -4.63 26.11
C VAL D 64 -6.74 -3.52 25.94
N SER D 65 -6.48 -2.78 27.01
CA SER D 65 -5.47 -1.75 26.96
C SER D 65 -4.10 -2.32 27.35
N PRO D 66 -3.05 -1.95 26.62
CA PRO D 66 -1.71 -2.46 26.97
C PRO D 66 -1.22 -1.97 28.31
N THR D 67 -1.57 -0.75 28.71
CA THR D 67 -1.15 -0.25 30.01
C THR D 67 -1.98 -0.87 31.14
N LYS D 68 -3.22 -1.23 30.84
CA LYS D 68 -4.08 -1.88 31.84
C LYS D 68 -3.91 -3.39 31.86
N LEU D 69 -3.16 -3.96 30.92
CA LEU D 69 -2.86 -5.38 30.94
C LEU D 69 -1.96 -5.75 32.12
N ASN D 70 -1.21 -4.79 32.66
CA ASN D 70 -0.34 -5.07 33.80
C ASN D 70 -1.13 -5.60 34.98
N ASP D 71 -2.09 -4.82 35.48
CA ASP D 71 -2.92 -5.23 36.61
C ASP D 71 -4.15 -5.94 36.08
N LEU D 72 -3.94 -7.21 35.69
CA LEU D 72 -5.01 -8.05 35.19
C LEU D 72 -4.67 -9.50 35.45
N CYS D 73 -5.65 -10.38 35.23
CA CYS D 73 -5.50 -11.81 35.41
C CYS D 73 -6.48 -12.54 34.50
N PHE D 74 -6.01 -13.58 33.83
CA PHE D 74 -6.82 -14.33 32.89
C PHE D 74 -6.61 -15.82 33.12
N THR D 75 -7.38 -16.63 32.38
CA THR D 75 -7.28 -18.08 32.49
C THR D 75 -6.13 -18.60 31.67
N ASN D 76 -6.36 -18.87 30.38
CA ASN D 76 -5.34 -19.36 29.47
C ASN D 76 -4.77 -18.22 28.65
N VAL D 77 -3.50 -18.36 28.28
CA VAL D 77 -2.82 -17.43 27.38
C VAL D 77 -2.12 -18.23 26.30
N TYR D 78 -2.41 -17.92 25.05
CA TYR D 78 -1.80 -18.58 23.90
C TYR D 78 -0.84 -17.62 23.21
N ALA D 79 0.34 -18.13 22.86
CA ALA D 79 1.39 -17.34 22.21
C ALA D 79 1.71 -17.98 20.87
N ASP D 80 1.11 -17.45 19.80
CA ASP D 80 1.35 -17.94 18.46
C ASP D 80 2.49 -17.16 17.83
N SER D 81 3.45 -17.87 17.23
CA SER D 81 4.63 -17.27 16.64
C SER D 81 4.86 -17.83 15.24
N PHE D 82 5.35 -16.97 14.35
CA PHE D 82 5.61 -17.33 12.96
C PHE D 82 6.45 -16.21 12.33
N VAL D 83 6.65 -16.28 11.01
CA VAL D 83 7.46 -15.32 10.27
C VAL D 83 6.77 -15.01 8.96
N ILE D 84 6.67 -13.72 8.62
CA ILE D 84 6.06 -13.28 7.36
C ILE D 84 6.86 -12.14 6.77
N ARG D 85 6.31 -11.52 5.72
CA ARG D 85 6.86 -10.31 5.13
C ARG D 85 6.47 -9.08 5.96
N GLY D 86 7.15 -7.97 5.67
CA GLY D 86 6.74 -6.71 6.26
C GLY D 86 5.42 -6.21 5.74
N ASP D 87 5.14 -6.45 4.45
CA ASP D 87 3.86 -6.07 3.88
C ASP D 87 2.69 -6.84 4.49
N GLU D 88 2.93 -8.02 5.03
CA GLU D 88 1.88 -8.88 5.54
C GLU D 88 1.67 -8.73 7.04
N VAL D 89 2.40 -7.82 7.69
CA VAL D 89 2.14 -7.54 9.10
C VAL D 89 0.75 -6.95 9.29
N ARG D 90 0.29 -6.15 8.32
CA ARG D 90 -1.04 -5.56 8.41
C ARG D 90 -2.16 -6.59 8.35
N GLN D 91 -1.86 -7.81 7.90
CA GLN D 91 -2.86 -8.85 7.81
C GLN D 91 -3.04 -9.64 9.09
N ILE D 92 -2.16 -9.47 10.08
CA ILE D 92 -2.33 -10.11 11.38
C ILE D 92 -3.18 -9.20 12.25
N ALA D 93 -4.46 -9.09 11.91
CA ALA D 93 -5.40 -8.22 12.62
C ALA D 93 -6.80 -8.68 12.29
N PRO D 94 -7.77 -8.40 13.16
CA PRO D 94 -9.16 -8.83 12.90
C PRO D 94 -9.73 -8.16 11.65
N GLY D 95 -10.49 -8.93 10.89
CA GLY D 95 -11.17 -8.39 9.72
C GLY D 95 -10.28 -8.14 8.53
N GLN D 96 -9.10 -8.74 8.47
CA GLN D 96 -8.17 -8.55 7.37
C GLN D 96 -8.27 -9.68 6.37
N THR D 97 -7.86 -9.39 5.14
CA THR D 97 -7.82 -10.37 4.06
C THR D 97 -6.43 -10.36 3.44
N GLY D 98 -6.23 -11.29 2.50
CA GLY D 98 -4.95 -11.50 1.86
C GLY D 98 -4.50 -12.93 1.96
N ASN D 99 -3.34 -13.20 1.37
CA ASN D 99 -2.83 -14.58 1.33
C ASN D 99 -2.61 -15.12 2.74
N ILE D 100 -2.16 -14.27 3.67
CA ILE D 100 -1.86 -14.73 5.01
C ILE D 100 -3.12 -14.91 5.83
N ALA D 101 -4.00 -13.90 5.83
CA ALA D 101 -5.21 -13.98 6.64
C ALA D 101 -6.17 -15.05 6.14
N ASP D 102 -6.23 -15.27 4.83
CA ASP D 102 -7.19 -16.22 4.28
C ASP D 102 -6.68 -17.65 4.34
N TYR D 103 -5.39 -17.85 4.07
CA TYR D 103 -4.86 -19.19 3.86
C TYR D 103 -3.81 -19.62 4.87
N ASN D 104 -3.41 -18.76 5.80
CA ASN D 104 -2.31 -19.10 6.69
C ASN D 104 -2.66 -18.91 8.17
N TYR D 105 -2.93 -17.67 8.56
CA TYR D 105 -3.22 -17.35 9.96
C TYR D 105 -4.40 -16.39 9.98
N LYS D 106 -5.53 -16.83 10.51
CA LYS D 106 -6.75 -16.03 10.56
C LYS D 106 -7.07 -15.67 11.99
N LEU D 107 -7.30 -14.39 12.23
CA LEU D 107 -7.74 -13.92 13.54
C LEU D 107 -9.25 -13.66 13.54
N PRO D 108 -9.94 -13.97 14.62
CA PRO D 108 -11.38 -13.73 14.68
C PRO D 108 -11.68 -12.24 14.79
N ASP D 109 -12.94 -11.90 14.50
CA ASP D 109 -13.37 -10.52 14.62
C ASP D 109 -13.40 -10.08 16.08
N ASP D 110 -13.81 -10.98 16.97
CA ASP D 110 -13.82 -10.71 18.42
C ASP D 110 -12.48 -11.05 19.07
N PHE D 111 -11.38 -10.69 18.43
CA PHE D 111 -10.06 -11.03 18.95
C PHE D 111 -9.73 -10.19 20.17
N THR D 112 -9.24 -10.85 21.22
CA THR D 112 -8.83 -10.20 22.47
C THR D 112 -7.37 -10.57 22.72
N GLY D 113 -6.45 -9.69 22.34
CA GLY D 113 -5.05 -9.95 22.51
C GLY D 113 -4.21 -8.86 21.88
N CYS D 114 -2.92 -9.16 21.74
CA CYS D 114 -1.95 -8.21 21.20
C CYS D 114 -1.13 -8.88 20.11
N VAL D 115 -0.86 -8.13 19.04
CA VAL D 115 -0.04 -8.58 17.92
C VAL D 115 1.30 -7.87 18.01
N ILE D 116 2.37 -8.63 18.23
CA ILE D 116 3.72 -8.08 18.38
C ILE D 116 4.55 -8.59 17.21
N ALA D 117 5.24 -7.67 16.53
CA ALA D 117 6.08 -8.02 15.39
C ALA D 117 7.33 -7.16 15.41
N TRP D 118 8.41 -7.70 14.84
CA TRP D 118 9.67 -6.99 14.71
C TRP D 118 10.41 -7.55 13.51
N ASN D 119 11.22 -6.70 12.88
CA ASN D 119 11.98 -7.14 11.72
C ASN D 119 13.08 -8.12 12.15
N SER D 120 13.34 -9.08 11.27
CA SER D 120 14.33 -10.13 11.52
C SER D 120 15.20 -10.33 10.28
N ASN D 121 15.54 -9.24 9.59
CA ASN D 121 16.37 -9.34 8.39
C ASN D 121 17.76 -9.85 8.71
N ASN D 122 18.27 -9.56 9.91
CA ASN D 122 19.60 -10.01 10.29
C ASN D 122 19.64 -11.49 10.65
N LEU D 123 18.50 -12.10 10.98
CA LEU D 123 18.45 -13.48 11.42
C LEU D 123 17.79 -14.42 10.41
N ASP D 124 16.74 -13.98 9.73
CA ASP D 124 15.98 -14.87 8.85
C ASP D 124 16.28 -14.65 7.37
N SER D 125 17.06 -13.64 7.02
CA SER D 125 17.44 -13.40 5.62
C SER D 125 18.87 -13.87 5.43
N LYS D 126 19.05 -14.91 4.63
CA LYS D 126 20.35 -15.46 4.35
C LYS D 126 20.88 -14.91 3.03
N VAL D 127 22.18 -14.64 2.98
CA VAL D 127 22.83 -14.40 1.70
C VAL D 127 22.83 -15.70 0.91
N GLY D 128 22.46 -15.61 -0.36
CA GLY D 128 22.15 -16.78 -1.15
C GLY D 128 20.68 -17.16 -1.15
N GLY D 129 19.93 -16.74 -0.13
CA GLY D 129 18.50 -16.96 -0.11
C GLY D 129 18.06 -17.99 0.92
N ASN D 130 17.32 -17.55 1.93
CA ASN D 130 16.78 -18.45 2.94
C ASN D 130 15.40 -18.92 2.48
N TYR D 131 15.31 -20.18 2.06
CA TYR D 131 14.08 -20.76 1.55
C TYR D 131 13.40 -21.66 2.57
N ASN D 132 13.78 -21.59 3.84
CA ASN D 132 13.19 -22.43 4.87
C ASN D 132 11.83 -21.94 5.32
N TYR D 133 11.50 -20.67 5.10
CA TYR D 133 10.20 -20.13 5.49
C TYR D 133 9.23 -20.21 4.32
N LEU D 134 8.05 -20.76 4.57
CA LEU D 134 7.03 -20.98 3.55
C LEU D 134 5.72 -20.29 3.96
N TYR D 135 4.84 -20.16 2.99
CA TYR D 135 3.50 -19.64 3.23
C TYR D 135 2.54 -20.31 2.26
N ARG D 136 1.34 -20.63 2.74
CA ARG D 136 0.33 -21.24 1.88
C ARG D 136 -0.18 -20.23 0.87
N LEU D 137 -0.22 -20.63 -0.39
CA LEU D 137 -0.63 -19.74 -1.48
C LEU D 137 -1.96 -20.11 -2.10
N PHE D 138 -2.35 -21.38 -2.06
CA PHE D 138 -3.62 -21.82 -2.63
C PHE D 138 -4.40 -22.60 -1.59
N ARG D 139 -5.72 -22.41 -1.59
CA ARG D 139 -6.63 -23.15 -0.73
C ARG D 139 -8.04 -22.96 -1.23
N LYS D 140 -8.85 -24.02 -1.12
CA LYS D 140 -10.21 -23.96 -1.65
C LYS D 140 -11.09 -22.98 -0.87
N SER D 141 -10.87 -22.85 0.44
CA SER D 141 -11.67 -21.98 1.27
C SER D 141 -10.76 -21.25 2.26
N ASN D 142 -11.24 -20.10 2.73
CA ASN D 142 -10.50 -19.34 3.72
C ASN D 142 -10.38 -20.11 5.03
N LEU D 143 -9.35 -19.78 5.79
CA LEU D 143 -9.13 -20.41 7.08
C LEU D 143 -10.06 -19.81 8.13
N LYS D 144 -10.60 -20.67 8.98
CA LYS D 144 -11.34 -20.21 10.13
C LYS D 144 -10.38 -19.61 11.15
N PRO D 145 -10.88 -18.81 12.09
CA PRO D 145 -10.00 -18.22 13.10
C PRO D 145 -9.24 -19.30 13.88
N PHE D 146 -7.92 -19.11 13.97
CA PHE D 146 -7.02 -20.01 14.69
C PHE D 146 -7.05 -21.42 14.08
N GLU D 147 -7.20 -21.50 12.77
CA GLU D 147 -7.12 -22.77 12.05
C GLU D 147 -5.73 -22.92 11.46
N ARG D 148 -5.20 -24.15 11.53
CA ARG D 148 -3.82 -24.44 11.15
C ARG D 148 -3.82 -25.53 10.06
N ASP D 149 -3.57 -25.12 8.83
CA ASP D 149 -3.57 -26.04 7.68
C ASP D 149 -2.14 -26.34 7.28
N ILE D 150 -1.75 -27.61 7.36
CA ILE D 150 -0.40 -28.05 7.03
C ILE D 150 -0.39 -29.03 5.86
N SER D 151 -1.47 -29.06 5.08
CA SER D 151 -1.57 -30.00 3.97
C SER D 151 -0.62 -29.62 2.83
N THR D 152 -0.23 -30.62 2.04
CA THR D 152 0.65 -30.41 0.89
C THR D 152 0.14 -31.19 -0.32
N GLU D 153 -1.17 -31.25 -0.49
CA GLU D 153 -1.74 -31.87 -1.68
C GLU D 153 -1.77 -30.87 -2.82
N ILE D 154 -1.74 -31.40 -4.05
CA ILE D 154 -1.74 -30.55 -5.23
C ILE D 154 -3.08 -29.85 -5.37
N TYR D 155 -3.04 -28.55 -5.60
CA TYR D 155 -4.25 -27.74 -5.75
C TYR D 155 -4.72 -27.80 -7.19
N GLN D 156 -6.01 -28.09 -7.37
CA GLN D 156 -6.62 -28.15 -8.69
C GLN D 156 -7.25 -26.80 -9.01
N ALA D 157 -6.68 -26.10 -9.98
CA ALA D 157 -7.17 -24.77 -10.37
C ALA D 157 -8.16 -24.84 -11.52
N GLY D 158 -7.94 -25.72 -12.48
CA GLY D 158 -8.82 -25.89 -13.61
C GLY D 158 -9.87 -26.96 -13.37
N SER D 159 -10.29 -27.62 -14.45
CA SER D 159 -11.22 -28.74 -14.37
C SER D 159 -10.52 -30.10 -14.35
N THR D 160 -9.45 -30.25 -15.13
CA THR D 160 -8.75 -31.51 -15.22
C THR D 160 -8.25 -31.97 -13.85
N PRO D 161 -8.47 -33.22 -13.46
CA PRO D 161 -7.91 -33.71 -12.21
C PRO D 161 -6.38 -33.74 -12.27
N CYS D 162 -5.77 -33.47 -11.12
CA CYS D 162 -4.32 -33.35 -11.04
C CYS D 162 -3.62 -34.69 -10.83
N ASN D 163 -4.24 -35.59 -10.07
CA ASN D 163 -3.70 -36.94 -9.84
C ASN D 163 -2.30 -36.89 -9.23
N GLY D 164 -2.08 -35.88 -8.38
CA GLY D 164 -0.84 -35.78 -7.62
C GLY D 164 0.36 -35.30 -8.39
N VAL D 165 0.22 -34.91 -9.65
CA VAL D 165 1.33 -34.46 -10.48
C VAL D 165 1.17 -32.95 -10.73
N LYS D 166 2.27 -32.23 -10.62
CA LYS D 166 2.27 -30.79 -10.89
C LYS D 166 2.19 -30.54 -12.40
N GLY D 167 1.67 -29.37 -12.75
CA GLY D 167 1.57 -28.99 -14.15
C GLY D 167 0.57 -27.90 -14.43
N PHE D 168 -0.16 -28.04 -15.54
CA PHE D 168 -1.13 -27.03 -15.96
C PHE D 168 -2.29 -27.02 -14.98
N ASN D 169 -2.47 -25.91 -14.27
CA ASN D 169 -3.53 -25.74 -13.28
C ASN D 169 -3.44 -26.79 -12.17
N CYS D 170 -2.22 -27.19 -11.83
CA CYS D 170 -1.96 -28.13 -10.75
C CYS D 170 -0.71 -27.65 -10.02
N TYR D 171 -0.91 -26.94 -8.92
CA TYR D 171 0.16 -26.22 -8.23
C TYR D 171 0.47 -26.87 -6.90
N PHE D 172 1.75 -26.93 -6.56
CA PHE D 172 2.15 -27.22 -5.20
C PHE D 172 1.61 -26.11 -4.29
N PRO D 173 0.87 -26.46 -3.23
CA PRO D 173 0.14 -25.42 -2.48
C PRO D 173 1.03 -24.40 -1.80
N LEU D 174 2.19 -24.80 -1.29
CA LEU D 174 3.07 -23.89 -0.58
C LEU D 174 4.00 -23.16 -1.55
N GLN D 175 4.52 -22.02 -1.08
CA GLN D 175 5.55 -21.29 -1.78
C GLN D 175 6.56 -20.76 -0.78
N SER D 176 7.78 -20.54 -1.25
CA SER D 176 8.90 -20.16 -0.40
C SER D 176 9.10 -18.66 -0.37
N TYR D 177 9.80 -18.20 0.67
CA TYR D 177 9.96 -16.77 0.94
C TYR D 177 11.28 -16.20 0.46
N GLY D 178 12.35 -17.00 0.44
CA GLY D 178 13.64 -16.58 -0.08
C GLY D 178 14.14 -15.24 0.40
N PHE D 179 14.34 -15.09 1.70
CA PHE D 179 14.75 -13.82 2.28
C PHE D 179 16.22 -13.56 1.99
N GLN D 180 16.52 -12.33 1.55
CA GLN D 180 17.88 -11.87 1.29
C GLN D 180 17.97 -10.40 1.70
N PRO D 181 19.10 -9.97 2.27
CA PRO D 181 19.20 -8.62 2.84
C PRO D 181 18.91 -7.51 1.85
N THR D 182 19.09 -7.79 0.56
CA THR D 182 18.82 -6.80 -0.47
C THR D 182 17.34 -6.50 -0.64
N TYR D 183 16.45 -7.30 -0.05
CA TYR D 183 15.03 -7.10 -0.24
C TYR D 183 14.57 -5.78 0.36
N GLY D 184 13.51 -5.22 -0.22
CA GLY D 184 12.85 -4.09 0.39
C GLY D 184 12.24 -4.46 1.72
N VAL D 185 11.92 -3.44 2.52
CA VAL D 185 11.42 -3.67 3.88
C VAL D 185 10.10 -4.42 3.85
N GLY D 186 9.29 -4.20 2.80
CA GLY D 186 8.05 -4.93 2.65
C GLY D 186 8.23 -6.41 2.40
N TYR D 187 9.41 -6.82 1.93
CA TYR D 187 9.71 -8.22 1.65
C TYR D 187 10.72 -8.82 2.61
N GLN D 188 11.22 -8.05 3.56
CA GLN D 188 12.12 -8.57 4.58
C GLN D 188 11.34 -9.39 5.61
N PRO D 189 12.00 -10.32 6.29
CA PRO D 189 11.29 -11.18 7.24
C PRO D 189 11.00 -10.47 8.55
N TYR D 190 9.78 -10.67 9.05
CA TYR D 190 9.35 -10.15 10.34
C TYR D 190 8.89 -11.30 11.20
N ARG D 191 9.36 -11.34 12.45
CA ARG D 191 8.93 -12.35 13.40
C ARG D 191 7.76 -11.81 14.23
N VAL D 192 6.66 -12.56 14.22
CA VAL D 192 5.40 -12.12 14.82
C VAL D 192 5.06 -13.03 16.00
N VAL D 193 4.62 -12.43 17.09
CA VAL D 193 4.11 -13.16 18.25
C VAL D 193 2.70 -12.67 18.55
N VAL D 194 1.73 -13.56 18.47
CA VAL D 194 0.32 -13.23 18.66
C VAL D 194 -0.10 -13.81 20.01
N LEU D 195 -0.44 -12.93 20.95
CA LEU D 195 -0.90 -13.33 22.27
C LEU D 195 -2.41 -13.36 22.29
N SER D 196 -2.98 -14.50 22.65
CA SER D 196 -4.43 -14.66 22.77
C SER D 196 -4.78 -14.86 24.24
N PHE D 197 -5.58 -13.95 24.78
CA PHE D 197 -6.03 -14.03 26.17
C PHE D 197 -7.40 -14.67 26.23
N GLU D 198 -7.53 -15.73 27.04
CA GLU D 198 -8.75 -16.51 27.14
C GLU D 198 -9.28 -16.44 28.56
N LEU D 199 -10.58 -16.14 28.68
CA LEU D 199 -11.25 -16.04 29.98
C LEU D 199 -12.50 -16.91 29.93
N LEU D 200 -12.41 -18.11 30.51
CA LEU D 200 -13.53 -19.04 30.51
C LEU D 200 -14.14 -19.16 31.90
N GLN E 1 22.62 7.45 -12.94
CA GLN E 1 23.03 6.11 -13.31
C GLN E 1 24.36 5.76 -12.67
N VAL E 2 24.71 4.48 -12.65
CA VAL E 2 25.96 4.01 -12.08
C VAL E 2 26.83 3.47 -13.22
N GLN E 3 28.13 3.30 -12.93
CA GLN E 3 29.10 2.87 -13.93
C GLN E 3 30.09 1.90 -13.32
N LEU E 4 30.40 0.84 -14.07
CA LEU E 4 31.38 -0.17 -13.66
C LEU E 4 32.54 -0.15 -14.64
N VAL E 5 33.75 -0.01 -14.11
CA VAL E 5 34.97 0.03 -14.90
C VAL E 5 35.86 -1.13 -14.46
N GLN E 6 36.17 -2.02 -15.41
CA GLN E 6 36.99 -3.19 -15.12
C GLN E 6 38.47 -2.91 -15.34
N SER E 7 39.30 -3.71 -14.69
CA SER E 7 40.74 -3.58 -14.77
C SER E 7 41.38 -4.89 -14.35
N GLY E 8 42.52 -5.22 -14.98
CA GLY E 8 43.23 -6.43 -14.68
C GLY E 8 43.98 -6.96 -15.88
N PRO E 9 44.98 -7.83 -15.63
CA PRO E 9 45.76 -8.37 -16.74
C PRO E 9 44.93 -9.30 -17.61
N GLY E 10 45.11 -9.17 -18.92
CA GLY E 10 44.46 -10.03 -19.88
C GLY E 10 45.16 -11.34 -20.16
N LEU E 11 46.29 -11.59 -19.50
CA LEU E 11 47.07 -12.80 -19.72
C LEU E 11 47.49 -13.37 -18.37
N VAL E 12 47.14 -14.63 -18.13
CA VAL E 12 47.51 -15.35 -16.92
C VAL E 12 48.05 -16.72 -17.32
N LYS E 13 49.23 -17.07 -16.81
CA LYS E 13 49.81 -18.36 -17.15
C LYS E 13 49.03 -19.49 -16.48
N PRO E 14 49.07 -20.70 -17.04
CA PRO E 14 48.37 -21.83 -16.42
C PRO E 14 48.85 -22.07 -15.00
N SER E 15 47.93 -22.57 -14.17
CA SER E 15 48.11 -22.86 -12.75
C SER E 15 48.30 -21.60 -11.91
N GLN E 16 48.35 -20.42 -12.53
CA GLN E 16 48.48 -19.17 -11.80
C GLN E 16 47.09 -18.67 -11.38
N THR E 17 47.06 -17.53 -10.71
CA THR E 17 45.83 -16.98 -10.15
C THR E 17 45.36 -15.79 -10.97
N LEU E 18 44.12 -15.87 -11.46
CA LEU E 18 43.49 -14.75 -12.16
C LEU E 18 43.03 -13.72 -11.14
N SER E 19 43.30 -12.44 -11.43
CA SER E 19 42.95 -11.36 -10.51
C SER E 19 42.36 -10.20 -11.30
N LEU E 20 41.15 -9.78 -10.91
CA LEU E 20 40.46 -8.69 -11.57
C LEU E 20 39.85 -7.76 -10.51
N THR E 21 39.65 -6.51 -10.89
CA THR E 21 39.09 -5.51 -9.99
C THR E 21 38.04 -4.69 -10.74
N CYS E 22 36.91 -4.44 -10.07
CA CYS E 22 35.80 -3.67 -10.62
C CYS E 22 35.59 -2.46 -9.74
N SER E 23 35.69 -1.27 -10.32
CA SER E 23 35.52 -0.02 -9.59
C SER E 23 34.16 0.60 -9.92
N VAL E 24 33.49 1.10 -8.89
CA VAL E 24 32.15 1.66 -9.03
C VAL E 24 32.24 3.18 -8.98
N SER E 25 31.65 3.84 -9.98
CA SER E 25 31.58 5.29 -10.04
C SER E 25 30.13 5.73 -10.14
N ASP E 26 29.88 6.98 -9.74
CA ASP E 26 28.54 7.55 -9.72
C ASP E 26 27.59 6.67 -8.90
N GLY E 27 28.05 6.26 -7.73
CA GLY E 27 27.27 5.41 -6.86
C GLY E 27 28.10 4.75 -5.78
N SER E 28 27.50 4.46 -4.64
CA SER E 28 28.21 3.87 -3.52
C SER E 28 28.07 2.35 -3.54
N ILE E 29 29.19 1.65 -3.37
CA ILE E 29 29.16 0.19 -3.30
C ILE E 29 28.55 -0.29 -2.00
N SER E 30 28.43 0.59 -1.00
CA SER E 30 27.88 0.22 0.30
C SER E 30 26.38 0.45 0.35
N SER E 31 25.66 -0.10 -0.63
CA SER E 31 24.21 -0.01 -0.69
C SER E 31 23.61 -1.32 -0.25
N SER E 32 22.65 -1.25 0.68
CA SER E 32 22.01 -2.46 1.19
C SER E 32 21.07 -3.11 0.18
N ASP E 33 20.85 -2.49 -0.97
CA ASP E 33 19.86 -2.96 -1.93
C ASP E 33 20.46 -3.76 -3.08
N TYR E 34 21.79 -3.93 -3.14
CA TYR E 34 22.41 -4.48 -4.32
C TYR E 34 23.48 -5.50 -3.96
N TYR E 35 23.68 -6.45 -4.86
CA TYR E 35 24.78 -7.40 -4.85
C TYR E 35 25.76 -7.03 -5.97
N TRP E 36 26.99 -7.49 -5.82
CA TRP E 36 28.06 -7.18 -6.77
C TRP E 36 28.66 -8.50 -7.26
N SER E 37 28.39 -8.86 -8.51
CA SER E 37 28.65 -10.19 -9.03
C SER E 37 29.70 -10.16 -10.14
N TRP E 38 30.14 -11.36 -10.52
CA TRP E 38 31.05 -11.55 -11.64
C TRP E 38 30.44 -12.58 -12.59
N ILE E 39 30.48 -12.28 -13.89
CA ILE E 39 29.99 -13.18 -14.93
C ILE E 39 31.09 -13.31 -15.98
N ARG E 40 31.31 -14.52 -16.46
CA ARG E 40 32.31 -14.78 -17.49
C ARG E 40 31.65 -15.47 -18.69
N GLN E 41 32.30 -15.33 -19.85
CA GLN E 41 31.79 -15.86 -21.10
C GLN E 41 32.94 -16.28 -21.99
N PRO E 42 33.20 -17.57 -22.15
CA PRO E 42 34.23 -18.00 -23.10
C PRO E 42 33.87 -17.54 -24.49
N PRO E 43 34.88 -17.21 -25.30
CA PRO E 43 34.60 -16.67 -26.65
C PRO E 43 33.81 -17.66 -27.50
N GLY E 44 32.68 -17.18 -28.02
CA GLY E 44 31.80 -18.00 -28.81
C GLY E 44 30.87 -18.90 -28.03
N LYS E 45 30.92 -18.84 -26.69
CA LYS E 45 30.10 -19.68 -25.84
C LYS E 45 29.06 -18.83 -25.10
N GLY E 46 28.47 -19.41 -24.06
CA GLY E 46 27.44 -18.75 -23.29
C GLY E 46 27.97 -18.07 -22.04
N LEU E 47 27.02 -17.57 -21.24
CA LEU E 47 27.33 -16.83 -20.03
C LEU E 47 27.27 -17.76 -18.82
N GLU E 48 28.19 -17.56 -17.88
CA GLU E 48 28.25 -18.35 -16.65
C GLU E 48 28.43 -17.42 -15.47
N TRP E 49 27.50 -17.48 -14.51
CA TRP E 49 27.58 -16.69 -13.30
C TRP E 49 28.63 -17.29 -12.36
N ILE E 50 29.54 -16.46 -11.89
CA ILE E 50 30.63 -16.92 -11.02
C ILE E 50 30.26 -16.78 -9.55
N GLY E 51 29.78 -15.62 -9.15
CA GLY E 51 29.43 -15.36 -7.77
C GLY E 51 29.30 -13.88 -7.51
N TYR E 52 28.67 -13.56 -6.38
CA TYR E 52 28.48 -12.17 -5.97
C TYR E 52 28.93 -12.00 -4.52
N ILE E 53 28.95 -10.74 -4.08
CA ILE E 53 29.35 -10.40 -2.72
C ILE E 53 28.52 -9.21 -2.26
N TYR E 54 28.11 -9.26 -1.00
CA TYR E 54 27.39 -8.16 -0.35
C TYR E 54 28.39 -7.14 0.18
N TYR E 55 27.90 -5.93 0.43
CA TYR E 55 28.79 -4.88 0.91
C TYR E 55 29.34 -5.16 2.30
N THR E 56 28.77 -6.14 3.01
CA THR E 56 29.26 -6.49 4.34
C THR E 56 30.38 -7.52 4.31
N GLY E 57 30.57 -8.20 3.18
CA GLY E 57 31.59 -9.22 3.05
C GLY E 57 31.05 -10.61 2.77
N SER E 58 29.75 -10.84 2.97
CA SER E 58 29.17 -12.14 2.71
C SER E 58 29.25 -12.46 1.22
N THR E 59 29.60 -13.71 0.91
CA THR E 59 29.80 -14.14 -0.47
C THR E 59 28.91 -15.34 -0.77
N TYR E 60 28.63 -15.52 -2.06
CA TYR E 60 27.80 -16.62 -2.53
C TYR E 60 28.26 -16.96 -3.93
N TYR E 61 29.03 -18.04 -4.07
CA TYR E 61 29.62 -18.41 -5.34
C TYR E 61 28.82 -19.50 -6.02
N ASN E 62 29.02 -19.60 -7.33
CA ASN E 62 28.54 -20.75 -8.08
C ASN E 62 29.31 -21.97 -7.61
N PRO E 63 28.66 -23.01 -7.10
CA PRO E 63 29.39 -24.17 -6.57
C PRO E 63 30.28 -24.86 -7.60
N SER E 64 30.11 -24.58 -8.89
CA SER E 64 31.00 -25.14 -9.90
C SER E 64 32.38 -24.51 -9.87
N LEU E 65 32.54 -23.39 -9.16
CA LEU E 65 33.82 -22.72 -9.02
C LEU E 65 34.11 -22.33 -7.57
N LYS E 66 33.29 -22.80 -6.63
CA LYS E 66 33.43 -22.38 -5.23
C LYS E 66 34.81 -22.70 -4.68
N SER E 67 35.39 -23.84 -5.06
CA SER E 67 36.69 -24.24 -4.55
C SER E 67 37.81 -23.35 -5.07
N ARG E 68 37.59 -22.63 -6.18
CA ARG E 68 38.64 -21.88 -6.83
C ARG E 68 38.39 -20.37 -6.85
N VAL E 69 37.24 -19.90 -6.35
CA VAL E 69 36.84 -18.51 -6.49
C VAL E 69 36.87 -17.84 -5.12
N SER E 70 37.39 -16.62 -5.07
CA SER E 70 37.39 -15.79 -3.86
C SER E 70 37.07 -14.37 -4.28
N ILE E 71 35.91 -13.87 -3.89
CA ILE E 71 35.47 -12.52 -4.21
C ILE E 71 35.55 -11.67 -2.95
N SER E 72 36.24 -10.55 -3.04
CA SER E 72 36.39 -9.63 -1.92
C SER E 72 35.81 -8.27 -2.30
N VAL E 73 35.57 -7.44 -1.28
CA VAL E 73 35.03 -6.11 -1.47
C VAL E 73 35.86 -5.13 -0.66
N ASP E 74 36.00 -3.91 -1.20
CA ASP E 74 36.69 -2.82 -0.53
C ASP E 74 35.77 -1.60 -0.61
N ARG E 75 34.90 -1.45 0.40
CA ARG E 75 33.94 -0.36 0.38
C ARG E 75 34.62 0.99 0.60
N SER E 76 35.78 1.01 1.26
CA SER E 76 36.51 2.26 1.44
C SER E 76 37.02 2.80 0.10
N LYS E 77 37.38 1.92 -0.83
CA LYS E 77 37.84 2.31 -2.15
C LYS E 77 36.78 2.09 -3.23
N ASN E 78 35.56 1.69 -2.84
CA ASN E 78 34.45 1.52 -3.77
C ASN E 78 34.78 0.52 -4.89
N GLN E 79 35.39 -0.60 -4.51
CA GLN E 79 35.76 -1.63 -5.47
C GLN E 79 35.43 -3.00 -4.90
N PHE E 80 35.31 -3.97 -5.80
CA PHE E 80 35.22 -5.37 -5.44
C PHE E 80 35.97 -6.19 -6.47
N SER E 81 36.66 -7.24 -6.02
CA SER E 81 37.62 -7.95 -6.83
C SER E 81 37.25 -9.43 -6.97
N LEU E 82 37.90 -10.09 -7.92
CA LEU E 82 37.72 -11.51 -8.17
C LEU E 82 39.07 -12.20 -8.25
N LYS E 83 39.16 -13.39 -7.67
CA LYS E 83 40.36 -14.22 -7.73
C LYS E 83 39.98 -15.64 -8.07
N LEU E 84 40.56 -16.17 -9.15
CA LEU E 84 40.33 -17.54 -9.60
C LEU E 84 41.66 -18.26 -9.64
N SER E 85 41.79 -19.32 -8.85
CA SER E 85 43.05 -20.02 -8.67
C SER E 85 43.16 -21.23 -9.60
N SER E 86 44.39 -21.66 -9.83
CA SER E 86 44.70 -22.83 -10.66
C SER E 86 43.99 -22.76 -12.00
N VAL E 87 44.19 -21.64 -12.71
CA VAL E 87 43.48 -21.42 -13.96
C VAL E 87 44.00 -22.39 -15.02
N THR E 88 43.11 -22.70 -15.97
CA THR E 88 43.42 -23.58 -17.09
C THR E 88 42.88 -22.95 -18.37
N ALA E 89 43.11 -23.63 -19.50
CA ALA E 89 42.59 -23.14 -20.77
C ALA E 89 41.07 -23.02 -20.75
N ALA E 90 40.40 -23.81 -19.90
CA ALA E 90 38.96 -23.71 -19.73
C ALA E 90 38.53 -22.39 -19.09
N ASP E 91 39.46 -21.63 -18.52
CA ASP E 91 39.14 -20.36 -17.88
C ASP E 91 39.37 -19.16 -18.79
N THR E 92 39.86 -19.38 -20.00
CA THR E 92 39.97 -18.30 -20.97
C THR E 92 38.57 -17.82 -21.35
N ALA E 93 38.25 -16.58 -20.99
CA ALA E 93 36.92 -16.05 -21.20
C ALA E 93 36.95 -14.54 -21.02
N VAL E 94 35.89 -13.89 -21.49
CA VAL E 94 35.65 -12.48 -21.18
C VAL E 94 34.91 -12.42 -19.85
N TYR E 95 35.47 -11.68 -18.91
CA TYR E 95 34.92 -11.59 -17.55
C TYR E 95 34.24 -10.24 -17.37
N TYR E 96 33.03 -10.27 -16.81
CA TYR E 96 32.24 -9.07 -16.57
C TYR E 96 31.96 -8.93 -15.09
N CYS E 97 31.92 -7.68 -14.62
CA CYS E 97 31.31 -7.35 -13.34
C CYS E 97 30.00 -6.61 -13.59
N ALA E 98 28.98 -6.96 -12.81
CA ALA E 98 27.65 -6.41 -13.01
C ALA E 98 26.97 -6.26 -11.67
N ARG E 99 26.14 -5.22 -11.56
CA ARG E 99 25.35 -4.99 -10.36
C ARG E 99 24.15 -5.93 -10.36
N LEU E 100 24.02 -6.72 -9.29
CA LEU E 100 22.93 -7.67 -9.15
C LEU E 100 21.84 -7.07 -8.26
N VAL E 101 20.64 -6.92 -8.82
CA VAL E 101 19.51 -6.37 -8.09
C VAL E 101 18.62 -7.52 -7.65
N VAL E 102 18.36 -7.59 -6.35
CA VAL E 102 17.47 -8.62 -5.78
C VAL E 102 16.55 -7.94 -4.78
N PRO E 103 15.55 -7.19 -5.23
CA PRO E 103 14.70 -6.43 -4.28
C PRO E 103 13.53 -7.24 -3.72
N SER E 104 13.19 -8.36 -4.36
CA SER E 104 12.01 -9.12 -3.97
C SER E 104 12.11 -10.49 -4.60
N PRO E 105 11.29 -11.46 -4.16
CA PRO E 105 11.25 -12.75 -4.85
C PRO E 105 10.55 -12.71 -6.20
N LYS E 106 10.01 -11.55 -6.60
CA LYS E 106 9.42 -11.43 -7.92
C LYS E 106 10.44 -11.72 -9.01
N GLY E 107 11.59 -11.07 -8.95
CA GLY E 107 12.63 -11.31 -9.94
C GLY E 107 13.94 -10.72 -9.50
N SER E 108 14.94 -10.90 -10.37
CA SER E 108 16.28 -10.36 -10.14
C SER E 108 16.94 -10.18 -11.50
N TRP E 109 17.84 -9.21 -11.59
CA TRP E 109 18.45 -8.89 -12.87
C TRP E 109 19.84 -8.28 -12.64
N PHE E 110 20.62 -8.27 -13.71
CA PHE E 110 21.96 -7.68 -13.70
C PHE E 110 21.94 -6.39 -14.50
N ASP E 111 22.23 -5.28 -13.83
CA ASP E 111 22.25 -3.97 -14.49
C ASP E 111 22.94 -2.94 -13.59
N PRO E 112 23.96 -2.24 -14.10
CA PRO E 112 24.56 -2.40 -15.42
C PRO E 112 25.70 -3.40 -15.41
N TRP E 113 26.50 -3.39 -16.48
CA TRP E 113 27.63 -4.30 -16.63
C TRP E 113 28.92 -3.51 -16.83
N GLY E 114 30.03 -4.16 -16.50
CA GLY E 114 31.32 -3.66 -16.94
C GLY E 114 31.51 -3.87 -18.42
N GLN E 115 32.51 -3.19 -18.98
CA GLN E 115 32.76 -3.29 -20.41
C GLN E 115 33.42 -4.60 -20.82
N GLY E 116 33.78 -5.45 -19.85
CA GLY E 116 34.35 -6.75 -20.17
C GLY E 116 35.86 -6.75 -20.29
N THR E 117 36.50 -7.74 -19.69
CA THR E 117 37.94 -7.92 -19.77
C THR E 117 38.24 -9.32 -20.27
N LEU E 118 38.84 -9.43 -21.44
CA LEU E 118 39.24 -10.72 -21.99
C LEU E 118 40.51 -11.18 -21.27
N VAL E 119 40.43 -12.34 -20.63
CA VAL E 119 41.57 -12.95 -19.96
C VAL E 119 41.89 -14.25 -20.67
N THR E 120 43.08 -14.32 -21.27
CA THR E 120 43.56 -15.51 -21.96
C THR E 120 44.50 -16.28 -21.06
N VAL E 121 44.27 -17.57 -20.91
CA VAL E 121 45.13 -18.45 -20.13
C VAL E 121 46.04 -19.21 -21.10
N SER E 122 47.32 -18.84 -21.12
CA SER E 122 48.28 -19.46 -22.02
C SER E 122 49.67 -19.31 -21.43
N SER E 123 50.62 -20.07 -22.00
CA SER E 123 52.01 -19.98 -21.60
C SER E 123 52.83 -19.06 -22.48
N ALA E 124 52.32 -18.67 -23.64
CA ALA E 124 53.05 -17.76 -24.52
C ALA E 124 53.17 -16.39 -23.86
N SER E 125 54.37 -15.82 -23.89
CA SER E 125 54.63 -14.54 -23.24
C SER E 125 54.00 -13.39 -24.04
N THR E 126 53.70 -12.31 -23.32
CA THR E 126 53.16 -11.11 -23.95
C THR E 126 54.16 -10.54 -24.94
N LYS E 127 53.67 -10.19 -26.13
CA LYS E 127 54.50 -9.57 -27.16
C LYS E 127 53.72 -8.43 -27.81
N GLY E 128 54.39 -7.30 -27.98
CA GLY E 128 53.79 -6.15 -28.63
C GLY E 128 53.72 -6.33 -30.13
N PRO E 129 52.74 -5.70 -30.76
CA PRO E 129 52.55 -5.89 -32.21
C PRO E 129 53.46 -4.99 -33.03
N SER E 130 53.70 -5.43 -34.26
CA SER E 130 54.35 -4.62 -35.28
C SER E 130 53.28 -4.08 -36.23
N VAL E 131 53.28 -2.78 -36.45
CA VAL E 131 52.25 -2.11 -37.23
C VAL E 131 52.88 -1.57 -38.51
N PHE E 132 52.34 -1.99 -39.65
CA PHE E 132 52.82 -1.58 -40.96
C PHE E 132 51.69 -0.92 -41.75
N PRO E 133 51.98 0.16 -42.49
CA PRO E 133 50.92 0.86 -43.23
C PRO E 133 50.56 0.15 -44.53
N LEU E 134 49.25 0.05 -44.78
CA LEU E 134 48.70 -0.49 -46.01
C LEU E 134 48.37 0.67 -46.95
N ALA E 135 49.22 0.88 -47.96
CA ALA E 135 49.10 2.04 -48.84
C ALA E 135 48.06 1.79 -49.93
N PRO E 136 47.26 2.80 -50.26
CA PRO E 136 46.27 2.64 -51.35
C PRO E 136 46.91 2.73 -52.73
N SER E 137 46.38 1.94 -53.65
CA SER E 137 46.88 1.93 -55.02
C SER E 137 45.75 1.59 -55.99
N SER E 138 44.63 2.31 -55.89
CA SER E 138 43.49 2.03 -56.76
C SER E 138 43.44 3.04 -57.90
N GLY E 144 36.84 6.05 -58.32
CA GLY E 144 36.21 7.07 -57.50
C GLY E 144 36.57 6.97 -56.04
N THR E 145 36.57 5.75 -55.51
CA THR E 145 36.87 5.48 -54.11
C THR E 145 38.12 4.63 -53.98
N ALA E 146 38.91 4.88 -52.94
CA ALA E 146 40.14 4.14 -52.67
C ALA E 146 40.04 3.47 -51.31
N ALA E 147 40.83 2.42 -51.13
CA ALA E 147 40.85 1.63 -49.90
C ALA E 147 42.24 1.63 -49.29
N LEU E 148 42.31 1.92 -47.98
CA LEU E 148 43.56 1.92 -47.24
C LEU E 148 43.32 1.33 -45.86
N GLY E 149 44.40 0.94 -45.20
CA GLY E 149 44.27 0.32 -43.90
C GLY E 149 45.59 0.18 -43.17
N CYS E 150 45.58 -0.66 -42.15
CA CYS E 150 46.75 -0.91 -41.30
C CYS E 150 46.89 -2.38 -41.00
N LEU E 151 48.12 -2.82 -40.82
CA LEU E 151 48.46 -4.20 -40.49
C LEU E 151 49.01 -4.25 -39.07
N VAL E 152 48.33 -5.00 -38.21
CA VAL E 152 48.75 -5.22 -36.83
C VAL E 152 49.22 -6.67 -36.73
N LYS E 153 50.53 -6.87 -36.67
CA LYS E 153 51.12 -8.20 -36.82
C LYS E 153 51.88 -8.60 -35.57
N ASP E 154 51.76 -9.89 -35.21
CA ASP E 154 52.59 -10.55 -34.21
C ASP E 154 52.45 -9.91 -32.84
N TYR E 155 51.32 -10.20 -32.19
CA TYR E 155 51.08 -9.75 -30.84
C TYR E 155 50.41 -10.86 -30.04
N PHE E 156 50.49 -10.72 -28.71
CA PHE E 156 49.85 -11.65 -27.80
C PHE E 156 49.76 -11.01 -26.43
N PRO E 157 48.63 -11.14 -25.72
CA PRO E 157 47.41 -11.76 -26.22
C PRO E 157 46.47 -10.74 -26.84
N GLU E 158 45.25 -11.16 -27.17
CA GLU E 158 44.24 -10.22 -27.61
C GLU E 158 43.69 -9.44 -26.40
N PRO E 159 43.08 -8.27 -26.64
CA PRO E 159 42.85 -7.64 -27.94
C PRO E 159 43.73 -6.44 -28.24
N VAL E 160 43.67 -5.97 -29.48
CA VAL E 160 44.22 -4.68 -29.86
C VAL E 160 43.07 -3.79 -30.28
N THR E 161 43.20 -2.50 -29.99
CA THR E 161 42.19 -1.51 -30.34
C THR E 161 42.73 -0.64 -31.45
N VAL E 162 41.97 -0.52 -32.54
CA VAL E 162 42.38 0.26 -33.70
C VAL E 162 41.32 1.31 -33.96
N SER E 163 41.75 2.57 -33.97
CA SER E 163 40.92 3.70 -34.37
C SER E 163 41.63 4.47 -35.47
N TRP E 164 40.88 5.33 -36.15
CA TRP E 164 41.40 6.10 -37.26
C TRP E 164 41.22 7.59 -37.00
N ASN E 165 42.31 8.34 -37.17
CA ASN E 165 42.29 9.80 -36.97
C ASN E 165 41.78 10.16 -35.57
N SER E 166 42.21 9.38 -34.57
CA SER E 166 41.82 9.59 -33.18
C SER E 166 40.30 9.58 -33.01
N GLY E 167 39.63 8.71 -33.76
CA GLY E 167 38.20 8.57 -33.68
C GLY E 167 37.41 9.44 -34.64
N ALA E 168 38.05 10.39 -35.32
CA ALA E 168 37.36 11.27 -36.25
C ALA E 168 36.93 10.56 -37.53
N LEU E 169 37.42 9.35 -37.78
CA LEU E 169 37.03 8.56 -38.95
C LEU E 169 36.43 7.24 -38.48
N THR E 170 35.15 7.04 -38.78
CA THR E 170 34.46 5.82 -38.38
C THR E 170 33.70 5.21 -39.55
N SER E 171 33.19 6.05 -40.45
CA SER E 171 32.43 5.56 -41.59
C SER E 171 33.33 4.83 -42.58
N GLY E 172 32.91 3.64 -42.98
CA GLY E 172 33.68 2.83 -43.91
C GLY E 172 34.81 2.05 -43.28
N VAL E 173 35.04 2.21 -41.97
CA VAL E 173 36.11 1.51 -41.29
C VAL E 173 35.71 0.07 -41.03
N HIS E 174 36.65 -0.85 -41.19
CA HIS E 174 36.42 -2.27 -40.92
C HIS E 174 37.65 -2.84 -40.21
N THR E 175 37.57 -3.00 -38.90
CA THR E 175 38.62 -3.64 -38.12
C THR E 175 38.33 -5.13 -38.08
N PHE E 176 39.11 -5.90 -38.84
CA PHE E 176 38.83 -7.32 -39.02
C PHE E 176 39.20 -8.10 -37.75
N PRO E 177 38.54 -9.24 -37.52
CA PRO E 177 38.93 -10.09 -36.40
C PRO E 177 40.34 -10.64 -36.58
N ALA E 178 41.02 -10.83 -35.46
CA ALA E 178 42.40 -11.30 -35.48
C ALA E 178 42.46 -12.72 -36.05
N VAL E 179 43.68 -13.14 -36.39
CA VAL E 179 43.96 -14.50 -36.82
C VAL E 179 45.07 -15.06 -35.95
N LEU E 180 44.94 -16.33 -35.58
CA LEU E 180 45.97 -17.02 -34.82
C LEU E 180 46.96 -17.65 -35.78
N GLN E 181 48.22 -17.27 -35.68
CA GLN E 181 49.26 -17.79 -36.56
C GLN E 181 49.85 -19.07 -35.97
N SER E 182 50.56 -19.82 -36.83
CA SER E 182 51.19 -21.06 -36.39
C SER E 182 52.12 -20.81 -35.20
N SER E 183 52.78 -19.66 -35.17
CA SER E 183 53.67 -19.29 -34.08
C SER E 183 52.94 -19.08 -32.76
N GLY E 184 51.61 -19.03 -32.76
CA GLY E 184 50.85 -18.72 -31.57
C GLY E 184 50.59 -17.24 -31.36
N LEU E 185 51.05 -16.39 -32.26
CA LEU E 185 50.84 -14.95 -32.17
C LEU E 185 49.67 -14.53 -33.04
N TYR E 186 49.04 -13.41 -32.66
CA TYR E 186 47.87 -12.91 -33.35
C TYR E 186 48.26 -11.86 -34.38
N SER E 187 47.33 -11.59 -35.30
CA SER E 187 47.53 -10.60 -36.35
C SER E 187 46.18 -10.23 -36.92
N LEU E 188 45.92 -8.93 -37.06
CA LEU E 188 44.66 -8.46 -37.63
C LEU E 188 44.92 -7.20 -38.46
N SER E 189 43.93 -6.83 -39.26
CA SER E 189 43.99 -5.65 -40.09
C SER E 189 42.73 -4.83 -39.93
N SER E 190 42.87 -3.51 -40.11
CA SER E 190 41.76 -2.58 -40.08
C SER E 190 41.87 -1.67 -41.30
N VAL E 191 40.76 -1.51 -42.02
CA VAL E 191 40.75 -0.75 -43.27
C VAL E 191 39.63 0.27 -43.24
N VAL E 192 39.74 1.25 -44.13
CA VAL E 192 38.70 2.25 -44.33
C VAL E 192 38.70 2.63 -45.81
N THR E 193 37.51 2.72 -46.39
CA THR E 193 37.36 3.14 -47.77
C THR E 193 37.08 4.63 -47.83
N VAL E 194 37.87 5.35 -48.63
CA VAL E 194 37.80 6.80 -48.69
C VAL E 194 37.74 7.23 -50.15
N PRO E 195 37.28 8.45 -50.43
CA PRO E 195 37.32 8.95 -51.80
C PRO E 195 38.74 9.09 -52.31
N SER E 196 38.92 8.83 -53.61
CA SER E 196 40.25 8.90 -54.20
C SER E 196 40.79 10.32 -54.18
N SER E 197 39.92 11.32 -54.38
CA SER E 197 40.34 12.71 -54.43
C SER E 197 40.92 13.21 -53.11
N SER E 198 40.71 12.49 -52.01
CA SER E 198 41.18 12.91 -50.70
C SER E 198 42.56 12.39 -50.34
N LEU E 199 43.19 11.61 -51.23
CA LEU E 199 44.43 10.93 -50.88
C LEU E 199 45.59 11.91 -50.73
N GLY E 200 45.65 12.93 -51.58
CA GLY E 200 46.77 13.86 -51.55
C GLY E 200 46.68 14.97 -50.53
N THR E 201 45.51 15.18 -49.93
CA THR E 201 45.32 16.25 -48.96
C THR E 201 44.89 15.72 -47.60
N GLN E 202 43.90 14.85 -47.54
CA GLN E 202 43.42 14.33 -46.26
C GLN E 202 44.42 13.34 -45.69
N THR E 203 44.77 13.52 -44.42
CA THR E 203 45.70 12.63 -43.75
C THR E 203 44.93 11.53 -43.03
N TYR E 204 45.44 10.30 -43.14
CA TYR E 204 44.81 9.13 -42.55
C TYR E 204 45.81 8.42 -41.65
N ILE E 205 45.50 8.36 -40.36
CA ILE E 205 46.38 7.77 -39.36
C ILE E 205 45.59 6.76 -38.54
N CYS E 206 46.07 5.53 -38.48
CA CYS E 206 45.46 4.51 -37.63
C CYS E 206 46.14 4.50 -36.28
N ASN E 207 45.34 4.38 -35.22
CA ASN E 207 45.82 4.41 -33.84
C ASN E 207 45.65 3.02 -33.25
N VAL E 208 46.76 2.29 -33.10
CA VAL E 208 46.76 0.93 -32.60
C VAL E 208 47.08 0.96 -31.11
N ASN E 209 46.25 0.30 -30.32
CA ASN E 209 46.43 0.22 -28.87
C ASN E 209 46.43 -1.24 -28.46
N HIS E 210 47.50 -1.67 -27.79
CA HIS E 210 47.63 -3.03 -27.27
C HIS E 210 47.95 -2.90 -25.78
N LYS E 211 46.89 -2.80 -24.97
CA LYS E 211 47.07 -2.58 -23.53
C LYS E 211 47.90 -3.65 -22.83
N PRO E 212 47.83 -4.94 -23.18
CA PRO E 212 48.71 -5.93 -22.50
C PRO E 212 50.19 -5.58 -22.54
N SER E 213 50.66 -4.91 -23.59
CA SER E 213 52.05 -4.51 -23.68
C SER E 213 52.25 -3.01 -23.51
N ASN E 214 51.18 -2.26 -23.25
CA ASN E 214 51.26 -0.81 -23.05
C ASN E 214 51.93 -0.11 -24.24
N THR E 215 51.64 -0.59 -25.44
CA THR E 215 52.21 -0.04 -26.67
C THR E 215 51.10 0.63 -27.46
N LYS E 216 51.26 1.92 -27.73
CA LYS E 216 50.37 2.69 -28.58
C LYS E 216 51.18 3.31 -29.70
N VAL E 217 50.82 2.99 -30.95
CA VAL E 217 51.52 3.50 -32.11
C VAL E 217 50.51 4.13 -33.06
N ASP E 218 50.96 5.17 -33.76
CA ASP E 218 50.17 5.87 -34.77
C ASP E 218 50.94 5.83 -36.08
N LYS E 219 50.39 5.12 -37.07
CA LYS E 219 51.05 4.94 -38.36
C LYS E 219 50.30 5.72 -39.42
N LYS E 220 50.99 6.67 -40.05
CA LYS E 220 50.40 7.47 -41.11
C LYS E 220 50.42 6.70 -42.43
N VAL E 221 49.25 6.61 -43.08
CA VAL E 221 49.10 5.87 -44.32
C VAL E 221 49.13 6.87 -45.47
N GLU E 222 50.22 6.84 -46.25
CA GLU E 222 50.39 7.67 -47.44
C GLU E 222 50.53 6.78 -48.66
N PRO E 223 50.09 7.24 -49.84
CA PRO E 223 50.23 6.41 -51.03
C PRO E 223 51.71 6.19 -51.36
N LYS E 224 52.02 5.01 -51.88
CA LYS E 224 53.39 4.64 -52.20
C LYS E 224 53.99 5.57 -53.24
N SER F 1 21.61 -25.68 -10.96
CA SER F 1 20.75 -26.75 -11.45
C SER F 1 20.88 -26.90 -12.96
N TYR F 2 19.88 -27.53 -13.57
CA TYR F 2 19.90 -27.74 -15.01
C TYR F 2 19.79 -26.41 -15.76
N GLU F 3 20.44 -26.35 -16.92
CA GLU F 3 20.45 -25.17 -17.78
C GLU F 3 19.08 -24.88 -18.39
N LEU F 4 18.81 -23.61 -18.62
CA LEU F 4 17.58 -23.19 -19.30
C LEU F 4 17.74 -23.39 -20.79
N THR F 5 16.67 -23.86 -21.44
CA THR F 5 16.72 -24.31 -22.82
C THR F 5 16.09 -23.26 -23.72
N GLN F 6 16.84 -22.82 -24.73
CA GLN F 6 16.38 -21.88 -25.74
C GLN F 6 16.54 -22.51 -27.11
N PRO F 7 15.77 -22.06 -28.10
CA PRO F 7 16.04 -22.47 -29.49
C PRO F 7 17.38 -21.94 -29.94
N ALA F 8 18.09 -22.76 -30.71
CA ALA F 8 19.42 -22.34 -31.19
C ALA F 8 19.33 -21.08 -32.04
N SER F 9 18.33 -21.00 -32.91
CA SER F 9 18.16 -19.83 -33.75
C SER F 9 16.69 -19.66 -34.10
N VAL F 10 16.25 -18.40 -34.18
CA VAL F 10 14.94 -18.04 -34.68
C VAL F 10 15.12 -16.91 -35.68
N SER F 11 14.16 -16.79 -36.61
CA SER F 11 14.31 -15.81 -37.68
C SER F 11 12.93 -15.30 -38.09
N GLY F 12 12.93 -14.07 -38.61
CA GLY F 12 11.70 -13.45 -39.10
C GLY F 12 12.03 -12.36 -40.10
N SER F 13 10.99 -11.88 -40.77
CA SER F 13 11.10 -10.88 -41.81
C SER F 13 11.03 -9.49 -41.21
N PRO F 14 11.58 -8.48 -41.89
CA PRO F 14 11.52 -7.11 -41.36
C PRO F 14 10.07 -6.67 -41.15
N GLY F 15 9.83 -6.01 -40.02
CA GLY F 15 8.49 -5.59 -39.67
C GLY F 15 7.62 -6.64 -39.04
N GLN F 16 8.12 -7.88 -38.92
CA GLN F 16 7.34 -8.98 -38.37
C GLN F 16 7.62 -9.11 -36.87
N SER F 17 7.06 -10.15 -36.25
CA SER F 17 7.27 -10.44 -34.84
C SER F 17 7.85 -11.84 -34.70
N ILE F 18 8.77 -11.99 -33.75
CA ILE F 18 9.34 -13.29 -33.41
C ILE F 18 9.27 -13.46 -31.90
N THR F 19 9.33 -14.72 -31.47
CA THR F 19 9.28 -15.05 -30.05
C THR F 19 10.35 -16.08 -29.72
N ILE F 20 11.09 -15.83 -28.65
CA ILE F 20 12.15 -16.72 -28.19
C ILE F 20 11.68 -17.40 -26.91
N SER F 21 11.72 -18.73 -26.89
CA SER F 21 11.28 -19.50 -25.74
C SER F 21 12.44 -19.76 -24.79
N CYS F 22 12.10 -19.97 -23.51
CA CYS F 22 13.08 -20.18 -22.46
C CYS F 22 12.51 -21.24 -21.52
N THR F 23 12.90 -22.50 -21.73
CA THR F 23 12.31 -23.63 -21.05
C THR F 23 13.20 -24.10 -19.90
N GLY F 24 12.60 -24.28 -18.72
CA GLY F 24 13.29 -24.85 -17.59
C GLY F 24 12.53 -26.00 -16.97
N THR F 25 12.93 -26.41 -15.76
CA THR F 25 12.22 -27.45 -15.04
C THR F 25 11.53 -26.94 -13.78
N SER F 26 12.19 -26.04 -13.05
CA SER F 26 11.54 -25.40 -11.90
C SER F 26 10.31 -24.64 -12.37
N ILE F 27 9.13 -25.13 -12.00
CA ILE F 27 7.88 -24.52 -12.40
C ILE F 27 7.45 -23.63 -11.23
N ASP F 28 7.80 -22.36 -11.30
CA ASP F 28 7.37 -21.41 -10.29
C ASP F 28 5.98 -20.89 -10.66
N VAL F 29 5.15 -20.69 -9.65
CA VAL F 29 3.75 -20.32 -9.85
C VAL F 29 3.60 -18.81 -9.69
N GLY F 30 2.92 -18.20 -10.66
CA GLY F 30 2.58 -16.80 -10.66
C GLY F 30 3.79 -15.87 -10.75
N ASN F 31 3.66 -14.71 -10.11
CA ASN F 31 4.67 -13.66 -10.17
C ASN F 31 5.80 -13.91 -9.18
N TYR F 32 6.47 -15.05 -9.35
CA TYR F 32 7.55 -15.46 -8.46
C TYR F 32 8.71 -15.97 -9.28
N ASN F 33 9.91 -15.49 -8.97
CA ASN F 33 11.14 -15.82 -9.71
C ASN F 33 10.94 -15.60 -11.20
N LEU F 34 10.65 -14.35 -11.55
CA LEU F 34 10.44 -13.99 -12.94
C LEU F 34 11.78 -13.81 -13.65
N ALA F 35 11.86 -14.30 -14.87
CA ALA F 35 13.13 -14.32 -15.59
C ALA F 35 13.48 -12.93 -16.11
N SER F 36 14.68 -12.83 -16.68
CA SER F 36 15.16 -11.61 -17.31
C SER F 36 15.75 -11.96 -18.67
N TRP F 37 15.93 -10.94 -19.51
CA TRP F 37 16.39 -11.15 -20.87
C TRP F 37 17.50 -10.16 -21.21
N TYR F 38 18.45 -10.61 -22.00
CA TYR F 38 19.64 -9.81 -22.32
C TYR F 38 19.95 -9.92 -23.81
N GLN F 39 20.35 -8.80 -24.41
CA GLN F 39 20.77 -8.74 -25.80
C GLN F 39 22.27 -8.52 -25.87
N GLN F 40 22.95 -9.33 -26.68
CA GLN F 40 24.39 -9.20 -26.87
C GLN F 40 24.70 -9.08 -28.34
N HIS F 41 25.25 -7.93 -28.74
CA HIS F 41 25.80 -7.77 -30.07
C HIS F 41 27.26 -8.20 -30.08
N PRO F 42 27.79 -8.60 -31.24
CA PRO F 42 29.17 -9.09 -31.29
C PRO F 42 30.16 -8.08 -30.72
N GLY F 43 31.04 -8.57 -29.84
CA GLY F 43 32.07 -7.74 -29.24
C GLY F 43 31.59 -6.75 -28.20
N LYS F 44 30.33 -6.84 -27.78
CA LYS F 44 29.77 -5.95 -26.78
C LYS F 44 29.31 -6.74 -25.56
N ALA F 45 29.17 -6.03 -24.44
CA ALA F 45 28.65 -6.62 -23.22
C ALA F 45 27.15 -6.84 -23.33
N PRO F 46 26.60 -7.78 -22.56
CA PRO F 46 25.15 -7.98 -22.58
C PRO F 46 24.39 -6.75 -22.13
N LYS F 47 23.21 -6.55 -22.71
CA LYS F 47 22.37 -5.41 -22.42
C LYS F 47 21.02 -5.91 -21.91
N LEU F 48 20.58 -5.37 -20.77
CA LEU F 48 19.33 -5.81 -20.18
C LEU F 48 18.15 -5.31 -21.00
N ILE F 49 17.29 -6.23 -21.40
CA ILE F 49 16.08 -5.92 -22.15
C ILE F 49 14.83 -6.01 -21.28
N ILE F 50 14.69 -7.11 -20.54
CA ILE F 50 13.52 -7.40 -19.74
C ILE F 50 13.96 -7.83 -18.36
N TYR F 51 13.25 -7.36 -17.34
CA TYR F 51 13.44 -7.82 -15.98
C TYR F 51 12.07 -8.04 -15.35
N GLU F 52 12.02 -8.92 -14.36
CA GLU F 52 10.76 -9.35 -13.74
C GLU F 52 9.76 -9.82 -14.80
N GLY F 53 10.23 -10.72 -15.67
CA GLY F 53 9.38 -11.36 -16.65
C GLY F 53 8.89 -10.48 -17.79
N SER F 54 8.43 -9.27 -17.47
CA SER F 54 7.84 -8.38 -18.47
C SER F 54 8.26 -6.93 -18.37
N ARG F 55 8.79 -6.46 -17.25
CA ARG F 55 9.15 -5.06 -17.11
C ARG F 55 10.36 -4.73 -17.97
N ARG F 56 10.40 -3.48 -18.47
CA ARG F 56 11.50 -3.03 -19.29
C ARG F 56 12.26 -1.89 -18.60
N PRO F 57 13.58 -1.86 -18.71
CA PRO F 57 14.33 -0.69 -18.26
C PRO F 57 14.01 0.52 -19.12
N SER F 58 14.21 1.70 -18.53
CA SER F 58 14.04 2.95 -19.26
C SER F 58 15.04 3.01 -20.41
N GLY F 59 14.57 3.44 -21.58
CA GLY F 59 15.38 3.49 -22.77
C GLY F 59 15.30 2.26 -23.64
N VAL F 60 14.65 1.20 -23.18
CA VAL F 60 14.45 -0.01 -23.97
C VAL F 60 13.13 0.12 -24.72
N SER F 61 13.17 -0.18 -26.02
CA SER F 61 11.99 -0.04 -26.86
C SER F 61 10.84 -0.92 -26.37
N ASN F 62 9.62 -0.44 -26.58
CA ASN F 62 8.44 -1.23 -26.27
C ASN F 62 8.18 -2.31 -27.32
N ARG F 63 9.01 -2.40 -28.35
CA ARG F 63 8.96 -3.54 -29.28
C ARG F 63 9.36 -4.84 -28.61
N PHE F 64 9.91 -4.79 -27.41
CA PHE F 64 10.31 -5.96 -26.66
C PHE F 64 9.29 -6.21 -25.56
N SER F 65 8.83 -7.46 -25.45
CA SER F 65 7.82 -7.82 -24.48
C SER F 65 8.09 -9.22 -23.95
N GLY F 66 7.82 -9.42 -22.67
CA GLY F 66 8.05 -10.70 -22.02
C GLY F 66 6.78 -11.26 -21.43
N ALA F 67 6.71 -12.58 -21.36
CA ALA F 67 5.56 -13.28 -20.82
C ALA F 67 6.03 -14.65 -20.33
N LYS F 68 5.10 -15.42 -19.76
CA LYS F 68 5.42 -16.74 -19.25
C LYS F 68 4.19 -17.61 -19.30
N SER F 69 4.37 -18.87 -19.69
CA SER F 69 3.29 -19.85 -19.70
C SER F 69 3.55 -20.90 -18.61
N GLY F 70 3.75 -20.45 -17.38
CA GLY F 70 3.99 -21.36 -16.28
C GLY F 70 5.38 -21.96 -16.28
N ASN F 71 5.70 -22.76 -17.30
CA ASN F 71 6.97 -23.46 -17.37
C ASN F 71 8.01 -22.74 -18.22
N THR F 72 7.58 -21.94 -19.21
CA THR F 72 8.48 -21.34 -20.17
C THR F 72 8.25 -19.85 -20.24
N ALA F 73 9.33 -19.08 -20.17
CA ALA F 73 9.29 -17.64 -20.41
C ALA F 73 9.46 -17.37 -21.90
N SER F 74 8.93 -16.23 -22.35
CA SER F 74 8.96 -15.90 -23.76
C SER F 74 9.30 -14.42 -23.95
N LEU F 75 10.26 -14.15 -24.83
CA LEU F 75 10.63 -12.80 -25.23
C LEU F 75 10.14 -12.57 -26.65
N THR F 76 9.33 -11.53 -26.84
CA THR F 76 8.73 -11.22 -28.13
C THR F 76 9.25 -9.87 -28.63
N ILE F 77 9.75 -9.86 -29.86
CA ILE F 77 10.27 -8.65 -30.50
C ILE F 77 9.36 -8.34 -31.67
N SER F 78 8.60 -7.25 -31.58
CA SER F 78 7.71 -6.82 -32.64
C SER F 78 8.38 -5.78 -33.52
N GLY F 79 7.93 -5.70 -34.77
CA GLY F 79 8.52 -4.79 -35.73
C GLY F 79 10.01 -5.03 -35.89
N LEU F 80 10.37 -6.20 -36.40
CA LEU F 80 11.78 -6.58 -36.51
C LEU F 80 12.56 -5.56 -37.33
N GLN F 81 13.73 -5.18 -36.81
CA GLN F 81 14.64 -4.28 -37.49
C GLN F 81 15.98 -4.98 -37.70
N ALA F 82 16.79 -4.43 -38.60
CA ALA F 82 18.06 -5.06 -38.94
C ALA F 82 18.99 -5.10 -37.74
N GLU F 83 18.95 -4.06 -36.89
CA GLU F 83 19.83 -3.99 -35.73
C GLU F 83 19.42 -4.96 -34.62
N ASP F 84 18.20 -5.49 -34.67
CA ASP F 84 17.79 -6.51 -33.70
C ASP F 84 18.54 -7.81 -33.86
N GLU F 85 19.29 -7.98 -34.95
CA GLU F 85 20.04 -9.21 -35.22
C GLU F 85 21.20 -9.31 -34.21
N ALA F 86 21.09 -10.24 -33.27
CA ALA F 86 22.07 -10.41 -32.20
C ALA F 86 21.74 -11.70 -31.45
N ASP F 87 22.46 -11.94 -30.35
CA ASP F 87 22.21 -13.05 -29.45
C ASP F 87 21.34 -12.61 -28.28
N TYR F 88 20.47 -13.51 -27.83
CA TYR F 88 19.56 -13.23 -26.72
C TYR F 88 19.62 -14.35 -25.71
N TYR F 89 19.74 -14.00 -24.44
CA TYR F 89 19.83 -14.96 -23.34
C TYR F 89 18.78 -14.65 -22.29
N CYS F 90 18.05 -15.67 -21.86
CA CYS F 90 17.24 -15.55 -20.66
C CYS F 90 18.06 -15.93 -19.44
N CYS F 91 17.59 -15.49 -18.27
CA CYS F 91 18.30 -15.76 -17.04
C CYS F 91 17.30 -15.92 -15.91
N SER F 92 17.59 -16.84 -14.99
CA SER F 92 16.70 -17.11 -13.88
C SER F 92 17.50 -17.69 -12.73
N TYR F 93 16.88 -17.71 -11.55
CA TYR F 93 17.45 -18.31 -10.36
C TYR F 93 16.87 -19.72 -10.27
N VAL F 94 17.66 -20.71 -10.68
CA VAL F 94 17.19 -22.08 -10.79
C VAL F 94 17.61 -22.86 -9.55
N GLY F 95 16.69 -23.65 -9.01
CA GLY F 95 16.97 -24.48 -7.85
C GLY F 95 17.45 -23.74 -6.63
N SER F 96 17.11 -22.45 -6.51
CA SER F 96 17.44 -21.63 -5.34
C SER F 96 18.91 -21.76 -4.94
N SER F 97 19.79 -21.73 -5.93
CA SER F 97 21.21 -21.88 -5.65
C SER F 97 22.05 -21.02 -6.59
N THR F 98 21.99 -21.32 -7.89
CA THR F 98 22.82 -20.65 -8.87
C THR F 98 21.98 -19.85 -9.85
N TYR F 99 22.63 -18.88 -10.47
CA TYR F 99 22.05 -18.10 -11.55
C TYR F 99 22.48 -18.73 -12.85
N VAL F 100 21.51 -19.07 -13.68
CA VAL F 100 21.77 -19.77 -14.92
C VAL F 100 21.29 -18.93 -16.08
N PHE F 101 22.05 -18.94 -17.17
CA PHE F 101 21.65 -18.28 -18.40
C PHE F 101 21.22 -19.32 -19.42
N GLY F 102 20.41 -18.90 -20.39
CA GLY F 102 19.92 -19.82 -21.38
C GLY F 102 21.00 -20.27 -22.34
N SER F 103 20.65 -21.28 -23.15
CA SER F 103 21.59 -21.79 -24.13
C SER F 103 22.00 -20.71 -25.13
N GLY F 104 21.10 -19.79 -25.42
CA GLY F 104 21.40 -18.71 -26.34
C GLY F 104 20.59 -18.86 -27.61
N THR F 105 20.05 -17.75 -28.10
CA THR F 105 19.24 -17.73 -29.31
C THR F 105 19.83 -16.71 -30.27
N LYS F 106 20.23 -17.17 -31.46
CA LYS F 106 20.79 -16.32 -32.49
C LYS F 106 19.66 -15.85 -33.40
N VAL F 107 19.31 -14.57 -33.30
CA VAL F 107 18.23 -14.00 -34.10
C VAL F 107 18.82 -13.46 -35.40
N THR F 108 18.30 -13.97 -36.52
CA THR F 108 18.68 -13.49 -37.85
C THR F 108 17.45 -12.88 -38.52
N VAL F 109 17.60 -11.66 -39.02
CA VAL F 109 16.51 -11.00 -39.73
C VAL F 109 16.50 -11.51 -41.17
N LEU F 110 15.37 -12.09 -41.58
CA LEU F 110 15.24 -12.68 -42.90
C LEU F 110 15.18 -11.60 -43.97
N GLY F 111 15.10 -12.04 -45.22
CA GLY F 111 15.02 -11.14 -46.36
C GLY F 111 16.35 -10.68 -46.90
N GLN F 112 17.45 -11.24 -46.40
CA GLN F 112 18.76 -10.78 -46.83
C GLN F 112 19.07 -11.27 -48.24
N PRO F 113 19.42 -10.38 -49.17
CA PRO F 113 19.73 -10.80 -50.54
C PRO F 113 21.19 -11.24 -50.68
N LYS F 114 21.46 -11.91 -51.80
CA LYS F 114 22.81 -12.35 -52.09
C LYS F 114 23.70 -11.13 -52.31
N ALA F 115 24.87 -11.13 -51.67
CA ALA F 115 25.81 -10.03 -51.77
C ALA F 115 27.15 -10.57 -52.23
N ASN F 116 27.69 -9.97 -53.28
CA ASN F 116 28.99 -10.40 -53.78
C ASN F 116 30.11 -9.84 -52.90
N PRO F 117 31.18 -10.59 -52.70
CA PRO F 117 32.24 -10.11 -51.81
C PRO F 117 33.15 -9.09 -52.47
N THR F 118 33.67 -8.18 -51.64
CA THR F 118 34.62 -7.18 -52.08
C THR F 118 36.01 -7.62 -51.62
N VAL F 119 36.85 -8.02 -52.56
CA VAL F 119 38.19 -8.51 -52.27
C VAL F 119 39.16 -7.35 -52.30
N THR F 120 40.05 -7.30 -51.30
CA THR F 120 41.01 -6.21 -51.17
C THR F 120 42.37 -6.83 -50.85
N LEU F 121 43.19 -7.02 -51.88
CA LEU F 121 44.50 -7.63 -51.72
C LEU F 121 45.56 -6.54 -51.69
N PHE F 122 46.47 -6.63 -50.73
CA PHE F 122 47.55 -5.68 -50.57
C PHE F 122 48.90 -6.39 -50.65
N PRO F 123 49.95 -5.69 -51.05
CA PRO F 123 51.28 -6.29 -51.06
C PRO F 123 52.02 -5.98 -49.77
N PRO F 124 53.13 -6.65 -49.51
CA PRO F 124 53.92 -6.32 -48.31
C PRO F 124 54.43 -4.89 -48.37
N SER F 125 54.33 -4.18 -47.24
CA SER F 125 54.79 -2.81 -47.17
C SER F 125 56.32 -2.76 -47.20
N SER F 126 56.84 -1.64 -47.71
CA SER F 126 58.29 -1.46 -47.76
C SER F 126 58.90 -1.45 -46.37
N GLU F 127 58.17 -0.92 -45.38
CA GLU F 127 58.66 -0.95 -44.00
C GLU F 127 58.78 -2.38 -43.51
N GLU F 128 57.78 -3.22 -43.78
CA GLU F 128 57.85 -4.62 -43.41
C GLU F 128 58.95 -5.34 -44.18
N LEU F 129 59.08 -5.05 -45.47
CA LEU F 129 60.13 -5.67 -46.28
C LEU F 129 61.52 -5.32 -45.74
N GLN F 130 61.73 -4.06 -45.37
CA GLN F 130 63.03 -3.64 -44.84
C GLN F 130 63.28 -4.19 -43.43
N ALA F 131 62.30 -4.87 -42.84
CA ALA F 131 62.50 -5.62 -41.61
C ALA F 131 62.67 -7.12 -41.88
N ASN F 132 62.99 -7.48 -43.12
CA ASN F 132 63.24 -8.86 -43.54
C ASN F 132 62.01 -9.75 -43.35
N LYS F 133 60.82 -9.16 -43.42
CA LYS F 133 59.58 -9.91 -43.36
C LYS F 133 58.66 -9.47 -44.49
N ALA F 134 57.75 -10.36 -44.88
CA ALA F 134 56.80 -10.07 -45.94
C ALA F 134 55.51 -10.84 -45.67
N THR F 135 54.38 -10.13 -45.70
CA THR F 135 53.08 -10.73 -45.49
C THR F 135 52.08 -10.10 -46.45
N LEU F 136 51.36 -10.94 -47.19
CA LEU F 136 50.26 -10.49 -48.03
C LEU F 136 48.97 -10.56 -47.24
N VAL F 137 48.07 -9.61 -47.53
CA VAL F 137 46.82 -9.46 -46.79
C VAL F 137 45.68 -9.41 -47.79
N CYS F 138 44.75 -10.36 -47.69
CA CYS F 138 43.56 -10.42 -48.55
C CYS F 138 42.33 -10.24 -47.68
N LEU F 139 41.60 -9.15 -47.92
CA LEU F 139 40.47 -8.76 -47.09
C LEU F 139 39.17 -8.87 -47.89
N ILE F 140 38.18 -9.52 -47.29
CA ILE F 140 36.90 -9.81 -47.94
C ILE F 140 35.79 -9.26 -47.07
N SER F 141 34.85 -8.54 -47.68
CA SER F 141 33.79 -7.90 -46.91
C SER F 141 32.51 -7.80 -47.73
N ASP F 142 31.41 -7.55 -47.02
CA ASP F 142 30.11 -7.22 -47.61
C ASP F 142 29.55 -8.36 -48.46
N PHE F 143 29.80 -9.60 -48.05
CA PHE F 143 29.25 -10.78 -48.72
C PHE F 143 28.22 -11.46 -47.84
N TYR F 144 27.16 -11.99 -48.47
CA TYR F 144 26.12 -12.73 -47.79
C TYR F 144 25.62 -13.80 -48.76
N PRO F 145 25.42 -15.05 -48.31
CA PRO F 145 25.64 -15.54 -46.93
C PRO F 145 27.11 -15.61 -46.53
N GLY F 146 27.35 -15.86 -45.25
CA GLY F 146 28.69 -15.78 -44.69
C GLY F 146 29.51 -17.06 -44.76
N ALA F 147 29.86 -17.48 -45.97
CA ALA F 147 30.75 -18.63 -46.14
C ALA F 147 31.56 -18.42 -47.40
N VAL F 148 32.89 -18.35 -47.26
CA VAL F 148 33.79 -18.19 -48.38
C VAL F 148 35.01 -19.08 -48.16
N THR F 149 35.64 -19.49 -49.26
CA THR F 149 36.91 -20.20 -49.23
C THR F 149 37.94 -19.38 -50.00
N VAL F 150 39.18 -19.40 -49.52
CA VAL F 150 40.26 -18.56 -50.07
C VAL F 150 41.38 -19.46 -50.56
N ALA F 151 41.86 -19.21 -51.77
CA ALA F 151 42.98 -19.92 -52.35
C ALA F 151 43.99 -18.90 -52.86
N TRP F 152 45.23 -19.00 -52.36
CA TRP F 152 46.29 -18.09 -52.79
C TRP F 152 46.94 -18.61 -54.07
N LYS F 153 47.76 -17.75 -54.69
CA LYS F 153 48.37 -18.06 -55.96
C LYS F 153 49.61 -17.19 -56.16
N ALA F 154 50.74 -17.82 -56.43
CA ALA F 154 51.97 -17.13 -56.82
C ALA F 154 52.09 -17.17 -58.34
N ASP F 155 52.19 -15.99 -58.96
CA ASP F 155 52.11 -15.87 -60.41
C ASP F 155 50.84 -16.55 -60.89
N SER F 156 50.97 -17.80 -61.33
CA SER F 156 49.83 -18.64 -61.68
C SER F 156 49.90 -19.99 -60.96
N SER F 157 50.64 -20.05 -59.86
CA SER F 157 50.81 -21.29 -59.10
C SER F 157 50.21 -21.13 -57.72
N PRO F 158 49.41 -22.08 -57.25
CA PRO F 158 48.82 -21.97 -55.92
C PRO F 158 49.87 -22.13 -54.82
N VAL F 159 49.54 -21.58 -53.65
CA VAL F 159 50.40 -21.67 -52.47
C VAL F 159 49.60 -22.35 -51.36
N LYS F 160 50.34 -22.88 -50.38
CA LYS F 160 49.70 -23.57 -49.26
C LYS F 160 50.35 -23.18 -47.94
N ALA F 161 51.68 -23.17 -47.89
CA ALA F 161 52.37 -22.87 -46.64
C ALA F 161 52.29 -21.38 -46.34
N GLY F 162 52.07 -21.07 -45.06
CA GLY F 162 51.98 -19.68 -44.64
C GLY F 162 50.64 -19.04 -44.87
N VAL F 163 49.59 -19.83 -45.10
CA VAL F 163 48.25 -19.31 -45.35
C VAL F 163 47.44 -19.42 -44.08
N GLU F 164 46.82 -18.31 -43.67
CA GLU F 164 45.95 -18.26 -42.50
C GLU F 164 44.70 -17.47 -42.88
N THR F 165 43.53 -18.06 -42.63
CA THR F 165 42.27 -17.46 -43.03
C THR F 165 41.30 -17.48 -41.85
N THR F 166 40.63 -16.36 -41.64
CA THR F 166 39.69 -16.22 -40.54
C THR F 166 38.36 -16.92 -40.84
N THR F 167 37.58 -17.15 -39.79
CA THR F 167 36.19 -17.51 -39.93
C THR F 167 35.35 -16.25 -40.18
N PRO F 168 34.24 -16.37 -40.91
CA PRO F 168 33.40 -15.20 -41.17
C PRO F 168 32.82 -14.63 -39.89
N SER F 169 32.67 -13.30 -39.88
CA SER F 169 32.12 -12.57 -38.74
C SER F 169 31.09 -11.56 -39.24
N LYS F 170 29.97 -11.48 -38.54
CA LYS F 170 28.92 -10.54 -38.91
C LYS F 170 29.34 -9.11 -38.61
N GLN F 171 29.19 -8.23 -39.59
CA GLN F 171 29.53 -6.82 -39.45
C GLN F 171 28.28 -6.01 -39.12
N SER F 172 28.44 -4.68 -39.08
CA SER F 172 27.37 -3.80 -38.60
C SER F 172 26.15 -3.85 -39.51
N ASN F 173 26.34 -3.90 -40.81
CA ASN F 173 25.22 -3.92 -41.75
C ASN F 173 24.69 -5.33 -41.99
N ASN F 174 24.99 -6.27 -41.11
CA ASN F 174 24.51 -7.64 -41.09
C ASN F 174 25.11 -8.51 -42.17
N LYS F 175 25.97 -7.97 -43.05
CA LYS F 175 26.73 -8.81 -43.96
C LYS F 175 27.92 -9.40 -43.22
N TYR F 176 28.75 -10.16 -43.93
CA TYR F 176 29.81 -10.93 -43.29
C TYR F 176 31.17 -10.51 -43.83
N ALA F 177 32.22 -10.97 -43.14
CA ALA F 177 33.57 -10.52 -43.43
C ALA F 177 34.58 -11.58 -43.00
N ALA F 178 35.53 -11.86 -43.89
CA ALA F 178 36.65 -12.75 -43.60
C ALA F 178 37.92 -12.15 -44.19
N SER F 179 39.06 -12.64 -43.71
CA SER F 179 40.35 -12.18 -44.21
C SER F 179 41.33 -13.35 -44.26
N SER F 180 42.35 -13.21 -45.10
CA SER F 180 43.34 -14.26 -45.30
C SER F 180 44.73 -13.65 -45.39
N TYR F 181 45.72 -14.42 -44.93
CA TYR F 181 47.10 -13.97 -44.85
C TYR F 181 48.03 -14.98 -45.51
N LEU F 182 48.96 -14.48 -46.31
CA LEU F 182 50.02 -15.30 -46.90
C LEU F 182 51.35 -14.75 -46.42
N SER F 183 52.03 -15.52 -45.56
CA SER F 183 53.34 -15.11 -45.06
C SER F 183 54.43 -15.61 -46.00
N LEU F 184 55.41 -14.75 -46.24
CA LEU F 184 56.47 -15.05 -47.20
C LEU F 184 57.79 -14.50 -46.70
N THR F 185 58.87 -15.10 -47.17
CA THR F 185 60.16 -14.46 -47.06
C THR F 185 60.29 -13.41 -48.16
N PRO F 186 61.04 -12.34 -47.92
CA PRO F 186 61.25 -11.34 -48.99
C PRO F 186 61.84 -11.93 -50.25
N GLU F 187 62.65 -12.99 -50.14
CA GLU F 187 63.16 -13.68 -51.32
C GLU F 187 62.02 -14.26 -52.15
N GLN F 188 61.11 -15.00 -51.50
CA GLN F 188 59.96 -15.56 -52.22
C GLN F 188 59.12 -14.47 -52.88
N TRP F 189 58.97 -13.33 -52.21
CA TRP F 189 58.12 -12.26 -52.75
C TRP F 189 58.76 -11.64 -53.99
N LYS F 190 60.06 -11.34 -53.92
CA LYS F 190 60.73 -10.69 -55.05
C LYS F 190 61.00 -11.66 -56.20
N SER F 191 61.01 -12.96 -55.95
CA SER F 191 61.28 -13.93 -57.01
C SER F 191 60.13 -13.97 -58.01
N HIS F 192 58.90 -14.13 -57.52
CA HIS F 192 57.73 -14.28 -58.37
C HIS F 192 57.27 -12.93 -58.92
N ARG F 193 56.61 -12.99 -60.09
CA ARG F 193 56.17 -11.76 -60.75
C ARG F 193 54.99 -11.12 -60.02
N SER F 194 54.17 -11.91 -59.33
CA SER F 194 52.97 -11.42 -58.68
C SER F 194 52.36 -12.54 -57.85
N TYR F 195 51.64 -12.16 -56.80
CA TYR F 195 50.84 -13.10 -56.02
C TYR F 195 49.37 -12.72 -56.14
N SER F 196 48.51 -13.73 -56.07
CA SER F 196 47.07 -13.54 -56.25
C SER F 196 46.31 -14.13 -55.08
N CYS F 197 45.11 -13.60 -54.86
CA CYS F 197 44.18 -14.09 -53.86
C CYS F 197 42.85 -14.40 -54.53
N GLN F 198 42.43 -15.65 -54.43
CA GLN F 198 41.19 -16.12 -55.06
C GLN F 198 40.15 -16.40 -53.98
N VAL F 199 39.02 -15.68 -54.05
CA VAL F 199 37.93 -15.80 -53.10
C VAL F 199 36.73 -16.39 -53.83
N THR F 200 36.17 -17.47 -53.30
CA THR F 200 35.00 -18.12 -53.86
C THR F 200 33.81 -17.91 -52.93
N HIS F 201 32.73 -17.38 -53.49
CA HIS F 201 31.50 -17.15 -52.73
C HIS F 201 30.31 -17.56 -53.60
N GLU F 202 29.59 -18.58 -53.16
CA GLU F 202 28.43 -19.12 -53.87
C GLU F 202 28.81 -19.50 -55.31
N GLY F 203 29.87 -20.29 -55.44
CA GLY F 203 30.30 -20.78 -56.73
C GLY F 203 31.03 -19.75 -57.58
N SER F 204 30.77 -18.47 -57.35
CA SER F 204 31.43 -17.40 -58.08
C SER F 204 32.79 -17.07 -57.47
N THR F 205 33.64 -16.44 -58.26
CA THR F 205 35.04 -16.22 -57.89
C THR F 205 35.50 -14.84 -58.34
N VAL F 206 36.07 -14.08 -57.40
CA VAL F 206 36.67 -12.77 -57.66
C VAL F 206 38.14 -12.83 -57.25
N GLU F 207 39.02 -12.33 -58.11
CA GLU F 207 40.46 -12.39 -57.89
C GLU F 207 41.07 -11.00 -57.86
N LYS F 208 42.23 -10.90 -57.21
CA LYS F 208 43.03 -9.69 -57.16
C LYS F 208 44.51 -10.08 -57.20
N THR F 209 45.34 -9.20 -57.77
CA THR F 209 46.76 -9.47 -57.95
C THR F 209 47.59 -8.25 -57.59
N VAL F 210 48.79 -8.51 -57.04
CA VAL F 210 49.74 -7.46 -56.69
C VAL F 210 51.15 -7.91 -57.07
N ALA F 211 51.97 -6.95 -57.48
CA ALA F 211 53.32 -7.21 -57.97
C ALA F 211 54.34 -6.35 -57.25
N PRO F 212 55.59 -6.84 -57.13
CA PRO F 212 56.65 -6.01 -56.55
C PRO F 212 56.97 -4.79 -57.40
N THR F 213 56.55 -3.62 -56.92
CA THR F 213 56.73 -2.36 -57.64
C THR F 213 58.18 -2.15 -58.04
N GLU F 214 58.38 -1.43 -59.14
CA GLU F 214 59.72 -1.06 -59.60
C GLU F 214 59.88 0.45 -59.66
C1 NAG G . -61.60 1.55 1.66
C2 NAG G . -62.75 0.54 1.65
C3 NAG G . -62.37 -0.70 0.82
C4 NAG G . -61.91 -0.28 -0.57
C5 NAG G . -60.78 0.73 -0.47
C6 NAG G . -60.34 1.27 -1.81
C7 NAG G . -64.26 0.54 3.57
C8 NAG G . -64.49 0.06 4.97
N2 NAG G . -63.12 0.15 3.00
O3 NAG G . -63.48 -1.57 0.74
O4 NAG G . -61.45 -1.42 -1.29
O5 NAG G . -61.22 1.87 0.30
O6 NAG G . -59.37 2.30 -1.67
O7 NAG G . -65.08 1.25 2.99
S SO4 H . -24.89 -4.05 13.74
O1 SO4 H . -24.18 -5.32 13.86
O2 SO4 H . -23.94 -2.96 13.70
O3 SO4 H . -25.69 -4.04 12.51
O4 SO4 H . -25.79 -3.89 14.89
S SO4 I . -12.08 -1.64 30.56
O1 SO4 I . -11.72 -2.75 29.68
O2 SO4 I . -10.88 -1.15 31.23
O3 SO4 I . -13.04 -2.10 31.57
O4 SO4 I . -12.66 -0.56 29.77
S SO4 J . 21.54 14.76 5.45
O1 SO4 J . 22.52 14.15 4.55
O2 SO4 J . 21.54 14.03 6.72
O3 SO4 J . 20.21 14.68 4.85
O4 SO4 J . 21.88 16.15 5.70
C1 NAG K . 15.15 -11.55 25.41
C2 NAG K . 14.74 -11.11 26.82
C3 NAG K . 15.17 -9.67 27.08
C4 NAG K . 16.65 -9.48 26.76
C5 NAG K . 16.95 -9.97 25.35
C6 NAG K . 18.41 -9.90 25.00
C7 NAG K . 12.73 -12.25 27.68
C8 NAG K . 11.24 -12.21 27.79
N2 NAG K . 13.30 -11.25 27.01
O3 NAG K . 14.92 -9.33 28.43
O4 NAG K . 17.00 -8.10 26.86
O5 NAG K . 16.55 -11.34 25.22
O6 NAG K . 19.21 -10.54 25.99
O7 NAG K . 13.41 -13.16 28.19
S SO4 L . 28.46 -0.09 8.95
O1 SO4 L . 28.23 -1.50 8.63
O2 SO4 L . 29.86 0.10 9.29
O3 SO4 L . 28.12 0.72 7.79
O4 SO4 L . 27.62 0.29 10.08
S SO4 M . 14.28 1.03 -31.17
O1 SO4 M . 15.11 0.35 -32.14
O2 SO4 M . 14.82 0.83 -29.83
O3 SO4 M . 12.92 0.51 -31.24
O4 SO4 M . 14.26 2.47 -31.46
S SO4 N . 42.01 -20.09 -62.27
O1 SO4 N . 41.80 -21.48 -61.88
O2 SO4 N . 43.29 -19.97 -62.96
O3 SO4 N . 40.93 -19.66 -63.14
O4 SO4 N . 42.02 -19.26 -61.07
#